data_5YDY
#
_entry.id   5YDY
#
_entity_poly.entity_id   1
_entity_poly.type   'polypeptide(L)'
_entity_poly.pdbx_seq_one_letter_code
;SGPLPDGWEQAMTQDGEIYYINHKNKTTSWLDPRLDPRGGGGNRQPPPPYPLTA
;
_entity_poly.pdbx_strand_id   A
#
# COMPACT_ATOMS: atom_id res chain seq x y z
N SER A 1 -16.12 6.72 -1.93
CA SER A 1 -15.18 6.39 -3.04
C SER A 1 -14.85 4.90 -3.01
N GLY A 2 -14.57 4.36 -1.86
CA GLY A 2 -14.25 2.91 -1.77
C GLY A 2 -12.76 2.71 -2.07
N PRO A 3 -12.44 1.74 -2.89
CA PRO A 3 -11.03 1.43 -3.27
C PRO A 3 -10.25 2.69 -3.69
N LEU A 4 -9.00 2.54 -4.02
CA LEU A 4 -8.20 3.72 -4.43
C LEU A 4 -8.46 3.99 -5.93
N PRO A 5 -7.83 4.98 -6.53
CA PRO A 5 -8.03 5.31 -7.95
C PRO A 5 -8.63 4.17 -8.77
N ASP A 6 -8.06 3.01 -8.68
CA ASP A 6 -8.60 1.85 -9.46
C ASP A 6 -7.48 0.86 -9.75
N GLY A 7 -7.53 -0.28 -9.13
CA GLY A 7 -6.47 -1.29 -9.38
C GLY A 7 -5.60 -1.42 -8.13
N TRP A 8 -5.83 -0.60 -7.14
CA TRP A 8 -4.99 -0.69 -5.91
C TRP A 8 -5.77 -0.19 -4.70
N GLU A 9 -5.19 -0.27 -3.52
CA GLU A 9 -5.92 0.19 -2.31
C GLU A 9 -4.96 0.30 -1.13
N GLN A 10 -5.41 0.92 -0.06
CA GLN A 10 -4.53 1.05 1.14
C GLN A 10 -4.92 -0.01 2.17
N ALA A 11 -3.96 -0.55 2.86
CA ALA A 11 -4.29 -1.60 3.88
C ALA A 11 -3.25 -1.57 5.00
N MET A 12 -3.28 -2.54 5.88
CA MET A 12 -2.30 -2.57 6.99
C MET A 12 -1.79 -4.01 7.16
N THR A 13 -0.61 -4.16 7.68
CA THR A 13 -0.04 -5.52 7.88
C THR A 13 -0.47 -6.05 9.26
N GLN A 14 0.21 -7.04 9.77
CA GLN A 14 -0.17 -7.57 11.11
C GLN A 14 0.45 -6.69 12.18
N ASP A 15 1.33 -5.80 11.79
CA ASP A 15 1.99 -4.90 12.76
C ASP A 15 1.53 -3.48 12.50
N GLY A 16 0.47 -3.34 11.76
CA GLY A 16 -0.06 -1.98 11.44
C GLY A 16 1.05 -1.13 10.81
N GLU A 17 1.71 -1.65 9.81
CA GLU A 17 2.78 -0.87 9.15
C GLU A 17 2.19 -0.12 7.97
N ILE A 18 0.90 -0.01 7.95
CA ILE A 18 0.20 0.69 6.85
C ILE A 18 0.92 0.44 5.52
N TYR A 19 0.31 -0.33 4.66
CA TYR A 19 0.95 -0.63 3.35
C TYR A 19 -0.08 -0.44 2.24
N TYR A 20 0.38 -0.34 1.02
CA TYR A 20 -0.57 -0.15 -0.12
C TYR A 20 -0.56 -1.41 -0.99
N ILE A 21 -1.64 -1.70 -1.63
CA ILE A 21 -1.70 -2.93 -2.47
C ILE A 21 -2.13 -2.58 -3.90
N ASN A 22 -1.37 -3.03 -4.87
CA ASN A 22 -1.71 -2.75 -6.28
C ASN A 22 -2.34 -3.99 -6.92
N HIS A 23 -3.63 -3.99 -7.12
CA HIS A 23 -4.29 -5.17 -7.73
C HIS A 23 -3.82 -5.34 -9.18
N LYS A 24 -3.08 -4.39 -9.68
CA LYS A 24 -2.58 -4.50 -11.08
C LYS A 24 -1.29 -5.30 -11.10
N ASN A 25 -0.36 -4.96 -10.25
CA ASN A 25 0.93 -5.69 -10.21
C ASN A 25 0.88 -6.72 -9.07
N LYS A 26 -0.29 -7.03 -8.60
CA LYS A 26 -0.41 -8.02 -7.49
C LYS A 26 0.71 -7.78 -6.48
N THR A 27 1.07 -6.54 -6.27
CA THR A 27 2.16 -6.24 -5.30
C THR A 27 1.73 -5.08 -4.40
N THR A 28 2.36 -4.94 -3.25
CA THR A 28 1.99 -3.83 -2.34
C THR A 28 3.11 -2.80 -2.32
N SER A 29 2.81 -1.59 -1.93
CA SER A 29 3.86 -0.53 -1.90
C SER A 29 3.60 0.45 -0.76
N TRP A 30 4.50 1.37 -0.54
CA TRP A 30 4.31 2.36 0.56
C TRP A 30 3.71 3.64 -0.02
N LEU A 31 3.73 3.79 -1.32
CA LEU A 31 3.18 5.03 -1.95
C LEU A 31 1.98 5.53 -1.14
N ASP A 32 1.97 6.78 -0.80
CA ASP A 32 0.84 7.34 -0.02
C ASP A 32 0.02 8.28 -0.91
N PRO A 33 -1.22 7.94 -1.17
CA PRO A 33 -2.12 8.77 -2.02
C PRO A 33 -2.64 10.00 -1.29
N ARG A 34 -3.82 9.93 -0.74
CA ARG A 34 -4.38 11.11 -0.02
C ARG A 34 -4.35 10.84 1.48
N LEU A 35 -3.35 10.17 1.95
CA LEU A 35 -3.26 9.88 3.41
C LEU A 35 -1.80 9.87 3.85
N ASP A 36 -1.22 11.01 4.06
CA ASP A 36 0.20 11.06 4.48
C ASP A 36 0.71 12.50 4.42
N PRO A 37 0.33 13.31 5.36
CA PRO A 37 0.73 14.74 5.43
C PRO A 37 2.26 14.91 5.31
N ARG A 38 2.78 15.96 5.87
CA ARG A 38 4.26 16.18 5.79
C ARG A 38 4.99 14.92 6.28
N GLY A 39 6.29 14.92 6.21
CA GLY A 39 7.06 13.73 6.66
C GLY A 39 8.36 13.62 5.86
N GLY A 40 9.48 13.84 6.49
CA GLY A 40 10.78 13.74 5.77
C GLY A 40 11.29 12.30 5.82
N GLY A 41 10.90 11.48 4.89
CA GLY A 41 11.36 10.06 4.90
C GLY A 41 12.88 10.02 4.75
N GLY A 42 13.42 8.97 4.21
CA GLY A 42 14.89 8.87 4.04
C GLY A 42 15.26 7.46 3.56
N ASN A 43 14.67 6.46 4.15
CA ASN A 43 14.99 5.06 3.72
C ASN A 43 13.87 4.12 4.17
N ARG A 44 13.38 3.30 3.29
CA ARG A 44 12.28 2.36 3.68
C ARG A 44 12.54 1.00 3.05
N GLN A 45 13.13 0.09 3.78
CA GLN A 45 13.40 -1.27 3.21
C GLN A 45 12.26 -1.65 2.28
N PRO A 46 12.57 -2.11 1.10
CA PRO A 46 11.55 -2.53 0.11
C PRO A 46 10.41 -3.32 0.74
N PRO A 47 9.19 -3.07 0.32
CA PRO A 47 7.98 -3.75 0.85
C PRO A 47 7.90 -5.21 0.40
N PRO A 48 7.29 -6.05 1.19
CA PRO A 48 7.12 -7.49 0.88
C PRO A 48 6.06 -7.72 -0.20
N PRO A 49 6.31 -8.66 -1.07
CA PRO A 49 5.36 -8.99 -2.19
C PRO A 49 4.08 -9.64 -1.67
N TYR A 50 2.97 -8.98 -1.84
CA TYR A 50 1.67 -9.54 -1.36
C TYR A 50 1.07 -10.41 -2.47
N PRO A 51 0.99 -11.70 -2.25
CA PRO A 51 0.44 -12.65 -3.25
C PRO A 51 -1.09 -12.65 -3.27
N LEU A 52 -1.69 -12.58 -4.44
CA LEU A 52 -3.17 -12.57 -4.52
C LEU A 52 -3.68 -14.01 -4.46
N THR A 53 -4.01 -14.49 -3.30
CA THR A 53 -4.53 -15.88 -3.17
C THR A 53 -3.34 -16.85 -3.09
N ALA A 54 -3.54 -17.99 -2.49
CA ALA A 54 -2.42 -18.98 -2.37
C ALA A 54 -1.67 -19.04 -3.70
N SER A 1 -18.17 1.58 0.43
CA SER A 1 -16.67 1.61 0.37
C SER A 1 -16.25 2.17 -0.99
N GLY A 2 -15.19 1.65 -1.55
CA GLY A 2 -14.71 2.16 -2.87
C GLY A 2 -13.19 2.18 -2.88
N PRO A 3 -12.58 1.21 -3.53
CA PRO A 3 -11.10 1.11 -3.63
C PRO A 3 -10.45 2.44 -4.04
N LEU A 4 -9.17 2.48 -4.20
CA LEU A 4 -8.50 3.75 -4.61
C LEU A 4 -8.69 3.90 -6.13
N PRO A 5 -8.14 4.92 -6.74
CA PRO A 5 -8.27 5.16 -8.19
C PRO A 5 -8.71 3.91 -8.96
N ASP A 6 -7.98 2.85 -8.85
CA ASP A 6 -8.36 1.61 -9.57
C ASP A 6 -7.16 0.70 -9.75
N GLY A 7 -7.13 -0.40 -9.05
CA GLY A 7 -5.98 -1.34 -9.18
C GLY A 7 -5.14 -1.30 -7.92
N TRP A 8 -5.56 -0.55 -6.92
CA TRP A 8 -4.75 -0.49 -5.67
C TRP A 8 -5.57 0.08 -4.52
N GLU A 9 -5.06 -0.03 -3.32
CA GLU A 9 -5.82 0.49 -2.15
C GLU A 9 -4.93 0.56 -0.90
N GLN A 10 -5.18 1.51 -0.04
CA GLN A 10 -4.37 1.64 1.20
C GLN A 10 -4.72 0.47 2.13
N ALA A 11 -3.76 -0.14 2.75
CA ALA A 11 -4.07 -1.28 3.65
C ALA A 11 -3.01 -1.37 4.76
N MET A 12 -3.04 -2.43 5.53
CA MET A 12 -2.04 -2.57 6.62
C MET A 12 -1.50 -4.01 6.64
N THR A 13 -0.38 -4.22 7.27
CA THR A 13 0.21 -5.58 7.33
C THR A 13 -0.27 -6.27 8.60
N GLN A 14 0.39 -7.31 9.02
CA GLN A 14 -0.03 -8.01 10.26
C GLN A 14 0.55 -7.27 11.46
N ASP A 15 1.43 -6.33 11.22
CA ASP A 15 2.02 -5.55 12.33
C ASP A 15 1.54 -4.11 12.25
N GLY A 16 0.51 -3.89 11.50
CA GLY A 16 -0.04 -2.52 11.36
C GLY A 16 1.02 -1.59 10.78
N GLU A 17 1.88 -2.08 9.93
CA GLU A 17 2.93 -1.21 9.34
C GLU A 17 2.31 -0.36 8.25
N ILE A 18 1.02 -0.31 8.23
CA ILE A 18 0.28 0.48 7.20
C ILE A 18 1.04 0.44 5.88
N TYR A 19 0.50 -0.25 4.91
CA TYR A 19 1.15 -0.30 3.57
C TYR A 19 0.08 -0.23 2.48
N TYR A 20 0.46 -0.05 1.26
CA TYR A 20 -0.55 0.05 0.17
C TYR A 20 -0.54 -1.21 -0.68
N ILE A 21 -1.63 -1.51 -1.32
CA ILE A 21 -1.68 -2.74 -2.16
C ILE A 21 -2.09 -2.40 -3.58
N ASN A 22 -1.34 -2.88 -4.55
CA ASN A 22 -1.67 -2.58 -5.98
C ASN A 22 -2.24 -3.83 -6.64
N HIS A 23 -3.53 -3.87 -6.85
CA HIS A 23 -4.14 -5.07 -7.50
C HIS A 23 -3.64 -5.19 -8.94
N LYS A 24 -2.93 -4.20 -9.41
CA LYS A 24 -2.41 -4.26 -10.80
C LYS A 24 -1.14 -5.11 -10.82
N ASN A 25 -0.25 -4.85 -9.90
CA ASN A 25 1.01 -5.64 -9.83
C ASN A 25 0.91 -6.63 -8.68
N LYS A 26 -0.29 -6.94 -8.25
CA LYS A 26 -0.46 -7.90 -7.14
C LYS A 26 0.66 -7.69 -6.13
N THR A 27 1.03 -6.47 -5.89
CA THR A 27 2.12 -6.19 -4.92
C THR A 27 1.73 -4.98 -4.06
N THR A 28 2.29 -4.87 -2.88
CA THR A 28 1.97 -3.72 -2.01
C THR A 28 3.12 -2.73 -2.01
N SER A 29 2.86 -1.51 -1.66
CA SER A 29 3.95 -0.50 -1.65
C SER A 29 3.65 0.61 -0.64
N TRP A 30 4.62 1.42 -0.32
CA TRP A 30 4.39 2.52 0.66
C TRP A 30 4.26 3.85 -0.11
N LEU A 31 4.93 3.96 -1.22
CA LEU A 31 4.87 5.22 -2.03
C LEU A 31 3.48 5.84 -1.90
N ASP A 32 3.37 7.12 -2.14
CA ASP A 32 2.05 7.79 -2.03
C ASP A 32 1.71 8.45 -3.37
N PRO A 33 0.70 7.97 -4.04
CA PRO A 33 0.27 8.51 -5.36
C PRO A 33 -0.53 9.81 -5.22
N ARG A 34 -1.80 9.72 -4.92
CA ARG A 34 -2.61 10.96 -4.77
C ARG A 34 -2.68 11.36 -3.30
N LEU A 35 -1.65 11.06 -2.55
CA LEU A 35 -1.64 11.42 -1.11
C LEU A 35 -0.50 12.39 -0.83
N ASP A 36 -0.37 13.41 -1.64
CA ASP A 36 0.73 14.40 -1.41
C ASP A 36 0.51 15.13 -0.09
N PRO A 37 -0.67 15.67 0.10
CA PRO A 37 -1.02 16.42 1.33
C PRO A 37 -0.59 15.67 2.61
N ARG A 38 0.50 16.08 3.20
CA ARG A 38 0.97 15.40 4.44
C ARG A 38 0.98 13.89 4.21
N GLY A 39 1.72 13.43 3.24
CA GLY A 39 1.77 11.96 2.97
C GLY A 39 2.99 11.36 3.66
N GLY A 40 3.53 12.04 4.64
CA GLY A 40 4.72 11.50 5.36
C GLY A 40 5.90 11.39 4.38
N GLY A 41 5.93 10.37 3.59
CA GLY A 41 7.04 10.20 2.62
C GLY A 41 8.06 9.19 3.17
N GLY A 42 9.23 9.14 2.58
CA GLY A 42 10.26 8.17 3.08
C GLY A 42 10.34 6.98 2.13
N ASN A 43 11.48 6.73 1.56
CA ASN A 43 11.62 5.57 0.63
C ASN A 43 11.27 4.28 1.36
N ARG A 44 11.50 4.24 2.64
CA ARG A 44 11.18 3.01 3.42
C ARG A 44 11.92 1.81 2.82
N GLN A 45 11.62 0.63 3.28
CA GLN A 45 12.31 -0.57 2.73
C GLN A 45 11.38 -1.28 1.75
N PRO A 46 11.94 -1.97 0.79
CA PRO A 46 11.15 -2.71 -0.23
C PRO A 46 10.21 -3.75 0.39
N PRO A 47 8.93 -3.56 0.22
CA PRO A 47 7.90 -4.48 0.78
C PRO A 47 7.77 -5.77 -0.04
N PRO A 48 7.60 -6.88 0.62
CA PRO A 48 7.45 -8.20 -0.07
C PRO A 48 6.08 -8.35 -0.72
N PRO A 49 6.01 -9.06 -1.81
CA PRO A 49 4.74 -9.28 -2.55
C PRO A 49 3.58 -9.61 -1.61
N TYR A 50 2.61 -8.74 -1.52
CA TYR A 50 1.45 -9.02 -0.62
C TYR A 50 0.68 -10.23 -1.13
N PRO A 51 0.16 -11.04 -0.24
CA PRO A 51 -0.61 -12.26 -0.60
C PRO A 51 -2.01 -11.92 -1.14
N LEU A 52 -2.36 -12.44 -2.28
CA LEU A 52 -3.71 -12.16 -2.84
C LEU A 52 -4.76 -12.99 -2.11
N THR A 53 -5.14 -12.58 -0.94
CA THR A 53 -6.16 -13.35 -0.17
C THR A 53 -6.43 -12.66 1.17
N ALA A 54 -6.98 -11.47 1.13
CA ALA A 54 -7.27 -10.73 2.40
C ALA A 54 -8.34 -11.49 3.18
N SER A 1 -12.93 -2.14 2.94
CA SER A 1 -13.84 -2.01 1.76
C SER A 1 -13.66 -0.63 1.13
N GLY A 2 -13.82 -0.53 -0.16
CA GLY A 2 -13.66 0.79 -0.83
C GLY A 2 -12.30 0.85 -1.54
N PRO A 3 -12.29 0.61 -2.83
CA PRO A 3 -11.04 0.63 -3.63
C PRO A 3 -10.58 2.05 -3.97
N LEU A 4 -9.33 2.23 -4.28
CA LEU A 4 -8.83 3.60 -4.61
C LEU A 4 -8.97 3.80 -6.13
N PRO A 5 -8.50 4.90 -6.68
CA PRO A 5 -8.58 5.20 -8.12
C PRO A 5 -8.81 3.97 -9.00
N ASP A 6 -8.56 2.80 -8.48
CA ASP A 6 -8.78 1.54 -9.26
C ASP A 6 -7.45 0.89 -9.60
N GLY A 7 -7.21 -0.27 -9.07
CA GLY A 7 -5.93 -0.97 -9.35
C GLY A 7 -5.10 -1.06 -8.07
N TRP A 8 -5.43 -0.28 -7.07
CA TRP A 8 -4.62 -0.34 -5.83
C TRP A 8 -5.47 0.00 -4.60
N GLU A 9 -4.95 -0.25 -3.43
CA GLU A 9 -5.71 0.05 -2.19
C GLU A 9 -4.75 0.18 -1.00
N GLN A 10 -5.13 0.95 -0.01
CA GLN A 10 -4.25 1.11 1.19
C GLN A 10 -4.68 0.12 2.26
N ALA A 11 -3.75 -0.52 2.92
CA ALA A 11 -4.12 -1.49 3.98
C ALA A 11 -3.04 -1.53 5.05
N MET A 12 -3.12 -2.48 5.95
CA MET A 12 -2.10 -2.57 7.03
C MET A 12 -1.67 -4.02 7.20
N THR A 13 -0.49 -4.26 7.72
CA THR A 13 -0.01 -5.64 7.91
C THR A 13 -0.50 -6.16 9.26
N GLN A 14 0.13 -7.18 9.79
CA GLN A 14 -0.30 -7.72 11.11
C GLN A 14 0.34 -6.86 12.20
N ASP A 15 1.24 -6.00 11.84
CA ASP A 15 1.90 -5.13 12.84
C ASP A 15 1.48 -3.69 12.59
N GLY A 16 0.45 -3.51 11.83
CA GLY A 16 -0.05 -2.14 11.53
C GLY A 16 1.08 -1.30 10.92
N GLU A 17 1.72 -1.81 9.90
CA GLU A 17 2.82 -1.03 9.26
C GLU A 17 2.27 -0.28 8.07
N ILE A 18 0.99 -0.17 8.00
CA ILE A 18 0.32 0.54 6.88
C ILE A 18 1.10 0.31 5.58
N TYR A 19 0.53 -0.44 4.67
CA TYR A 19 1.23 -0.71 3.39
C TYR A 19 0.29 -0.42 2.22
N TYR A 20 0.83 -0.35 1.03
CA TYR A 20 -0.03 -0.07 -0.16
C TYR A 20 -0.12 -1.33 -1.03
N ILE A 21 -1.25 -1.59 -1.62
CA ILE A 21 -1.37 -2.81 -2.46
C ILE A 21 -1.84 -2.44 -3.87
N ASN A 22 -1.15 -2.90 -4.87
CA ASN A 22 -1.54 -2.58 -6.28
C ASN A 22 -2.20 -3.80 -6.91
N HIS A 23 -3.50 -3.76 -7.06
CA HIS A 23 -4.21 -4.93 -7.68
C HIS A 23 -3.85 -5.02 -9.17
N LYS A 24 -3.01 -4.14 -9.63
CA LYS A 24 -2.63 -4.18 -11.07
C LYS A 24 -1.31 -4.94 -11.22
N ASN A 25 -0.42 -4.79 -10.28
CA ASN A 25 0.88 -5.52 -10.35
C ASN A 25 0.93 -6.57 -9.25
N LYS A 26 -0.21 -6.90 -8.69
CA LYS A 26 -0.24 -7.92 -7.61
C LYS A 26 0.94 -7.69 -6.66
N THR A 27 1.22 -6.46 -6.36
CA THR A 27 2.36 -6.15 -5.45
C THR A 27 1.98 -5.02 -4.49
N THR A 28 2.66 -4.89 -3.39
CA THR A 28 2.33 -3.82 -2.43
C THR A 28 3.47 -2.80 -2.38
N SER A 29 3.18 -1.58 -2.01
CA SER A 29 4.26 -0.56 -1.96
C SER A 29 4.02 0.39 -0.78
N TRP A 30 4.62 1.56 -0.80
CA TRP A 30 4.43 2.52 0.30
C TRP A 30 4.12 3.90 -0.28
N LEU A 31 4.83 4.29 -1.31
CA LEU A 31 4.58 5.62 -1.93
C LEU A 31 3.07 5.86 -2.06
N ASP A 32 2.67 7.10 -2.16
CA ASP A 32 1.21 7.39 -2.28
C ASP A 32 0.90 7.85 -3.70
N PRO A 33 -0.21 7.42 -4.25
CA PRO A 33 -0.63 7.79 -5.63
C PRO A 33 -1.18 9.22 -5.70
N ARG A 34 -2.37 9.44 -5.22
CA ARG A 34 -2.96 10.81 -5.26
C ARG A 34 -3.66 11.11 -3.94
N LEU A 35 -3.20 10.50 -2.88
CA LEU A 35 -3.84 10.75 -1.55
C LEU A 35 -3.35 12.08 -0.99
N ASP A 36 -3.19 13.07 -1.83
CA ASP A 36 -2.71 14.39 -1.35
C ASP A 36 -1.22 14.29 -0.99
N PRO A 37 -0.39 15.05 -1.64
CA PRO A 37 1.08 15.04 -1.39
C PRO A 37 1.41 15.06 0.10
N ARG A 38 1.26 13.95 0.77
CA ARG A 38 1.56 13.89 2.22
C ARG A 38 3.05 14.19 2.44
N GLY A 39 3.91 13.32 1.98
CA GLY A 39 5.37 13.55 2.15
C GLY A 39 6.12 12.22 2.00
N GLY A 40 5.44 11.12 2.21
CA GLY A 40 6.11 9.80 2.07
C GLY A 40 6.88 9.48 3.36
N GLY A 41 8.13 9.85 3.42
CA GLY A 41 8.93 9.57 4.65
C GLY A 41 10.42 9.62 4.31
N GLY A 42 10.86 8.79 3.40
CA GLY A 42 12.30 8.79 3.03
C GLY A 42 12.71 7.38 2.55
N ASN A 43 13.09 6.53 3.47
CA ASN A 43 13.49 5.15 3.06
C ASN A 43 12.59 4.14 3.76
N ARG A 44 12.05 3.20 3.02
CA ARG A 44 11.17 2.18 3.64
C ARG A 44 11.60 0.79 3.20
N GLN A 45 11.92 -0.07 4.14
CA GLN A 45 12.35 -1.45 3.76
C GLN A 45 11.58 -1.92 2.53
N PRO A 46 12.28 -2.30 1.50
CA PRO A 46 11.65 -2.77 0.22
C PRO A 46 10.49 -3.74 0.49
N PRO A 47 9.31 -3.40 0.02
CA PRO A 47 8.10 -4.24 0.21
C PRO A 47 8.05 -5.42 -0.78
N PRO A 48 7.97 -6.62 -0.28
CA PRO A 48 7.91 -7.84 -1.13
C PRO A 48 6.53 -8.04 -1.76
N PRO A 49 6.45 -8.88 -2.75
CA PRO A 49 5.16 -9.17 -3.45
C PRO A 49 4.08 -9.65 -2.49
N TYR A 50 3.04 -8.87 -2.31
CA TYR A 50 1.95 -9.28 -1.39
C TYR A 50 1.14 -10.41 -2.03
N PRO A 51 0.60 -11.30 -1.22
CA PRO A 51 -0.22 -12.44 -1.71
C PRO A 51 -1.30 -11.98 -2.71
N LEU A 52 -2.43 -12.63 -2.70
CA LEU A 52 -3.52 -12.25 -3.63
C LEU A 52 -4.86 -12.67 -3.04
N THR A 53 -5.50 -11.78 -2.31
CA THR A 53 -6.81 -12.13 -1.70
C THR A 53 -7.59 -13.04 -2.65
N ALA A 54 -7.83 -14.25 -2.24
CA ALA A 54 -8.59 -15.20 -3.11
C ALA A 54 -8.18 -14.97 -4.57
N SER A 1 -17.23 2.62 0.19
CA SER A 1 -15.82 3.11 0.11
C SER A 1 -15.11 2.42 -1.05
N GLY A 2 -15.35 1.14 -1.23
CA GLY A 2 -14.68 0.40 -2.34
C GLY A 2 -13.17 0.65 -2.29
N PRO A 3 -12.46 0.21 -3.29
CA PRO A 3 -10.99 0.39 -3.38
C PRO A 3 -10.60 1.84 -3.71
N LEU A 4 -9.35 2.07 -4.03
CA LEU A 4 -8.92 3.45 -4.37
C LEU A 4 -9.12 3.67 -5.88
N PRO A 5 -8.76 4.82 -6.40
CA PRO A 5 -8.92 5.14 -7.83
C PRO A 5 -9.20 3.91 -8.70
N ASP A 6 -8.42 2.87 -8.55
CA ASP A 6 -8.67 1.64 -9.36
C ASP A 6 -7.35 0.94 -9.64
N GLY A 7 -7.17 -0.22 -9.09
CA GLY A 7 -5.91 -0.97 -9.33
C GLY A 7 -5.08 -1.03 -8.05
N TRP A 8 -5.45 -0.28 -7.04
CA TRP A 8 -4.65 -0.32 -5.79
C TRP A 8 -5.51 0.01 -4.57
N GLU A 9 -5.00 -0.25 -3.40
CA GLU A 9 -5.78 0.04 -2.17
C GLU A 9 -4.84 0.23 -0.98
N GLN A 10 -5.26 0.99 0.00
CA GLN A 10 -4.41 1.20 1.20
C GLN A 10 -4.80 0.18 2.27
N ALA A 11 -3.85 -0.40 2.94
CA ALA A 11 -4.19 -1.41 3.99
C ALA A 11 -3.11 -1.41 5.08
N MET A 12 -3.18 -2.35 5.98
CA MET A 12 -2.17 -2.41 7.07
C MET A 12 -1.72 -3.87 7.26
N THR A 13 -0.54 -4.06 7.77
CA THR A 13 -0.04 -5.46 7.98
C THR A 13 -0.50 -5.95 9.34
N GLN A 14 0.14 -6.97 9.86
CA GLN A 14 -0.27 -7.49 11.20
C GLN A 14 0.37 -6.62 12.28
N ASP A 15 1.26 -5.74 11.87
CA ASP A 15 1.93 -4.86 12.86
C ASP A 15 1.48 -3.42 12.61
N GLY A 16 0.44 -3.26 11.86
CA GLY A 16 -0.07 -1.89 11.56
C GLY A 16 1.04 -1.05 10.96
N GLU A 17 1.69 -1.54 9.94
CA GLU A 17 2.79 -0.75 9.30
C GLU A 17 2.23 -0.02 8.09
N ILE A 18 0.95 0.07 8.02
CA ILE A 18 0.28 0.77 6.88
C ILE A 18 1.05 0.50 5.59
N TYR A 19 0.48 -0.27 4.70
CA TYR A 19 1.18 -0.58 3.43
C TYR A 19 0.24 -0.30 2.25
N TYR A 20 0.77 -0.25 1.05
CA TYR A 20 -0.08 0.02 -0.14
C TYR A 20 -0.16 -1.24 -0.99
N ILE A 21 -1.29 -1.51 -1.59
CA ILE A 21 -1.41 -2.74 -2.43
C ILE A 21 -1.85 -2.36 -3.85
N ASN A 22 -1.13 -2.81 -4.84
CA ASN A 22 -1.49 -2.47 -6.24
C ASN A 22 -2.08 -3.71 -6.94
N HIS A 23 -3.37 -3.72 -7.14
CA HIS A 23 -4.02 -4.90 -7.80
C HIS A 23 -3.61 -4.92 -9.28
N LYS A 24 -2.78 -4.01 -9.70
CA LYS A 24 -2.35 -3.99 -11.13
C LYS A 24 -1.14 -4.89 -11.30
N ASN A 25 -0.23 -4.87 -10.36
CA ASN A 25 0.97 -5.73 -10.47
C ASN A 25 0.94 -6.79 -9.36
N LYS A 26 -0.14 -6.86 -8.64
CA LYS A 26 -0.24 -7.87 -7.55
C LYS A 26 0.91 -7.67 -6.56
N THR A 27 1.19 -6.45 -6.20
CA THR A 27 2.29 -6.18 -5.25
C THR A 27 1.91 -5.04 -4.31
N THR A 28 2.62 -4.88 -3.23
CA THR A 28 2.29 -3.78 -2.29
C THR A 28 3.43 -2.78 -2.23
N SER A 29 3.16 -1.55 -1.91
CA SER A 29 4.25 -0.54 -1.86
C SER A 29 3.99 0.45 -0.71
N TRP A 30 4.59 1.61 -0.77
CA TRP A 30 4.38 2.60 0.31
C TRP A 30 4.02 3.96 -0.32
N LEU A 31 4.59 4.27 -1.45
CA LEU A 31 4.28 5.56 -2.11
C LEU A 31 2.77 5.69 -2.27
N ASP A 32 2.26 6.89 -2.30
CA ASP A 32 0.80 7.07 -2.44
C ASP A 32 0.50 7.93 -3.68
N PRO A 33 -0.57 7.61 -4.37
CA PRO A 33 -1.00 8.36 -5.59
C PRO A 33 -1.55 9.74 -5.26
N ARG A 34 -2.66 9.79 -4.55
CA ARG A 34 -3.25 11.10 -4.19
C ARG A 34 -3.93 10.99 -2.83
N LEU A 35 -3.40 10.21 -1.94
CA LEU A 35 -4.01 10.05 -0.60
C LEU A 35 -3.29 10.96 0.40
N ASP A 36 -3.21 12.23 0.11
CA ASP A 36 -2.52 13.16 1.04
C ASP A 36 -1.17 12.58 1.44
N PRO A 37 -0.28 12.45 0.49
CA PRO A 37 1.08 11.90 0.72
C PRO A 37 1.75 12.52 1.95
N ARG A 38 3.00 12.20 2.18
CA ARG A 38 3.70 12.76 3.37
C ARG A 38 5.21 12.78 3.09
N GLY A 39 5.61 12.35 1.93
CA GLY A 39 7.07 12.34 1.61
C GLY A 39 7.70 11.05 2.17
N GLY A 40 8.67 11.19 3.04
CA GLY A 40 9.33 9.99 3.62
C GLY A 40 10.55 9.61 2.78
N GLY A 41 11.25 10.59 2.26
CA GLY A 41 12.44 10.30 1.43
C GLY A 41 13.55 9.73 2.32
N GLY A 42 13.19 9.01 3.35
CA GLY A 42 14.23 8.44 4.26
C GLY A 42 14.30 6.93 4.05
N ASN A 43 14.02 6.46 2.87
CA ASN A 43 14.08 5.00 2.60
C ASN A 43 12.76 4.35 3.04
N ARG A 44 12.72 3.05 3.09
CA ARG A 44 11.47 2.35 3.50
C ARG A 44 11.69 0.84 3.49
N GLN A 45 11.23 0.15 4.49
CA GLN A 45 11.42 -1.33 4.53
C GLN A 45 10.87 -1.95 3.24
N PRO A 46 11.71 -2.63 2.50
CA PRO A 46 11.30 -3.27 1.21
C PRO A 46 9.96 -4.01 1.34
N PRO A 47 8.99 -3.61 0.57
CA PRO A 47 7.64 -4.23 0.58
C PRO A 47 7.60 -5.55 -0.20
N PRO A 48 7.43 -6.65 0.49
CA PRO A 48 7.38 -8.00 -0.14
C PRO A 48 6.02 -8.29 -0.78
N PRO A 49 5.98 -9.20 -1.71
CA PRO A 49 4.72 -9.58 -2.41
C PRO A 49 3.55 -9.75 -1.44
N TYR A 50 2.55 -8.92 -1.55
CA TYR A 50 1.38 -9.04 -0.65
C TYR A 50 0.55 -10.26 -1.03
N PRO A 51 0.43 -11.21 -0.13
CA PRO A 51 -0.36 -12.45 -0.37
C PRO A 51 -1.86 -12.22 -0.23
N LEU A 52 -2.60 -12.44 -1.29
CA LEU A 52 -4.08 -12.24 -1.20
C LEU A 52 -4.63 -12.98 0.01
N THR A 53 -4.57 -12.37 1.16
CA THR A 53 -5.08 -13.04 2.39
C THR A 53 -4.26 -14.30 2.67
N ALA A 54 -3.09 -14.14 3.22
CA ALA A 54 -2.23 -15.33 3.52
C ALA A 54 -3.07 -16.40 4.23
N SER A 1 -15.41 6.65 -0.63
CA SER A 1 -14.38 6.32 -1.66
C SER A 1 -13.57 5.10 -1.21
N GLY A 2 -14.15 3.93 -1.32
CA GLY A 2 -13.41 2.70 -0.89
C GLY A 2 -12.21 2.50 -1.81
N PRO A 3 -12.35 1.68 -2.82
CA PRO A 3 -11.26 1.38 -3.79
C PRO A 3 -10.51 2.65 -4.21
N LEU A 4 -9.23 2.55 -4.45
CA LEU A 4 -8.45 3.74 -4.86
C LEU A 4 -8.59 3.91 -6.38
N PRO A 5 -7.98 4.91 -6.97
CA PRO A 5 -8.06 5.17 -8.42
C PRO A 5 -8.55 3.96 -9.23
N ASP A 6 -7.97 2.81 -9.02
CA ASP A 6 -8.43 1.61 -9.78
C ASP A 6 -7.28 0.63 -9.94
N GLY A 7 -7.36 -0.50 -9.29
CA GLY A 7 -6.28 -1.51 -9.41
C GLY A 7 -5.42 -1.50 -8.14
N TRP A 8 -5.77 -0.70 -7.17
CA TRP A 8 -4.96 -0.67 -5.93
C TRP A 8 -5.78 -0.13 -4.76
N GLU A 9 -5.25 -0.23 -3.56
CA GLU A 9 -6.02 0.27 -2.38
C GLU A 9 -5.11 0.38 -1.16
N GLN A 10 -5.54 1.08 -0.14
CA GLN A 10 -4.71 1.22 1.08
C GLN A 10 -5.04 0.08 2.05
N ALA A 11 -4.05 -0.47 2.70
CA ALA A 11 -4.32 -1.60 3.64
C ALA A 11 -3.27 -1.61 4.76
N MET A 12 -3.25 -2.64 5.55
CA MET A 12 -2.25 -2.71 6.66
C MET A 12 -1.62 -4.10 6.69
N THR A 13 -0.50 -4.23 7.33
CA THR A 13 0.17 -5.56 7.42
C THR A 13 -0.15 -6.20 8.76
N GLN A 14 0.62 -7.18 9.17
CA GLN A 14 0.36 -7.84 10.47
C GLN A 14 0.99 -7.01 11.59
N ASP A 15 1.80 -6.05 11.23
CA ASP A 15 2.46 -5.20 12.24
C ASP A 15 1.91 -3.78 12.13
N GLY A 16 0.78 -3.65 11.51
CA GLY A 16 0.16 -2.31 11.35
C GLY A 16 1.15 -1.37 10.63
N GLU A 17 1.86 -1.88 9.66
CA GLU A 17 2.83 -1.03 8.93
C GLU A 17 2.11 -0.25 7.84
N ILE A 18 0.82 -0.16 7.98
CA ILE A 18 -0.01 0.57 6.97
C ILE A 18 0.72 0.66 5.63
N TYR A 19 0.26 -0.06 4.65
CA TYR A 19 0.91 -0.01 3.32
C TYR A 19 -0.16 -0.01 2.22
N TYR A 20 0.25 0.09 0.99
CA TYR A 20 -0.76 0.13 -0.11
C TYR A 20 -0.70 -1.17 -0.91
N ILE A 21 -1.76 -1.49 -1.61
CA ILE A 21 -1.77 -2.74 -2.39
C ILE A 21 -2.17 -2.46 -3.85
N ASN A 22 -1.39 -2.93 -4.78
CA ASN A 22 -1.72 -2.67 -6.23
C ASN A 22 -2.23 -3.96 -6.88
N HIS A 23 -3.51 -4.04 -7.10
CA HIS A 23 -4.08 -5.27 -7.74
C HIS A 23 -3.59 -5.37 -9.18
N LYS A 24 -2.82 -4.41 -9.63
CA LYS A 24 -2.31 -4.46 -11.03
C LYS A 24 -1.08 -5.37 -11.08
N ASN A 25 -0.22 -5.25 -10.12
CA ASN A 25 1.00 -6.11 -10.10
C ASN A 25 0.91 -7.09 -8.93
N LYS A 26 -0.20 -7.10 -8.25
CA LYS A 26 -0.35 -8.03 -7.10
C LYS A 26 0.74 -7.77 -6.07
N THR A 27 1.07 -6.52 -5.84
CA THR A 27 2.13 -6.19 -4.85
C THR A 27 1.71 -4.96 -4.04
N THR A 28 2.25 -4.81 -2.86
CA THR A 28 1.88 -3.64 -2.03
C THR A 28 3.03 -2.65 -2.01
N SER A 29 2.77 -1.44 -1.58
CA SER A 29 3.86 -0.42 -1.55
C SER A 29 3.50 0.71 -0.59
N TRP A 30 4.47 1.44 -0.12
CA TRP A 30 4.17 2.57 0.81
C TRP A 30 4.06 3.86 0.02
N LEU A 31 3.73 3.78 -1.24
CA LEU A 31 3.61 5.01 -2.07
C LEU A 31 2.42 5.83 -1.60
N ASP A 32 2.55 7.13 -1.59
CA ASP A 32 1.43 8.00 -1.15
C ASP A 32 1.05 8.97 -2.28
N PRO A 33 0.12 8.57 -3.11
CA PRO A 33 -0.35 9.40 -4.25
C PRO A 33 -1.34 10.48 -3.81
N ARG A 34 -2.48 10.08 -3.30
CA ARG A 34 -3.49 11.09 -2.85
C ARG A 34 -3.68 10.98 -1.34
N LEU A 35 -2.61 10.84 -0.61
CA LEU A 35 -2.72 10.73 0.87
C LEU A 35 -1.78 11.74 1.53
N ASP A 36 -1.60 12.88 0.91
CA ASP A 36 -0.70 13.91 1.50
C ASP A 36 0.44 13.22 2.26
N PRO A 37 1.51 12.93 1.57
CA PRO A 37 2.70 12.26 2.18
C PRO A 37 3.17 12.97 3.46
N ARG A 38 2.37 12.97 4.48
CA ARG A 38 2.76 13.64 5.75
C ARG A 38 2.98 12.59 6.84
N GLY A 39 1.92 12.07 7.41
CA GLY A 39 2.07 11.05 8.47
C GLY A 39 2.87 9.86 7.94
N GLY A 40 4.15 10.02 7.78
CA GLY A 40 4.99 8.91 7.26
C GLY A 40 5.93 9.44 6.17
N GLY A 41 7.21 9.20 6.31
CA GLY A 41 8.17 9.68 5.28
C GLY A 41 9.59 9.63 5.84
N GLY A 42 10.34 8.62 5.47
CA GLY A 42 11.73 8.52 5.98
C GLY A 42 12.37 7.22 5.48
N ASN A 43 12.47 7.06 4.19
CA ASN A 43 13.08 5.81 3.64
C ASN A 43 12.40 4.59 4.27
N ARG A 44 11.64 3.86 3.49
CA ARG A 44 10.96 2.66 4.05
C ARG A 44 11.59 1.39 3.48
N GLN A 45 11.69 0.35 4.27
CA GLN A 45 12.29 -0.92 3.77
C GLN A 45 11.46 -1.43 2.59
N PRO A 46 12.06 -2.25 1.76
CA PRO A 46 11.37 -2.82 0.56
C PRO A 46 10.17 -3.69 0.95
N PRO A 47 9.02 -3.37 0.45
CA PRO A 47 7.76 -4.13 0.76
C PRO A 47 7.67 -5.43 -0.06
N PRO A 48 7.51 -6.54 0.60
CA PRO A 48 7.40 -7.86 -0.06
C PRO A 48 6.00 -8.10 -0.63
N PRO A 49 5.90 -8.91 -1.65
CA PRO A 49 4.61 -9.23 -2.31
C PRO A 49 3.49 -9.48 -1.30
N TYR A 50 2.51 -8.62 -1.27
CA TYR A 50 1.38 -8.81 -0.31
C TYR A 50 0.63 -10.11 -0.63
N PRO A 51 0.35 -10.91 0.37
CA PRO A 51 -0.38 -12.19 0.19
C PRO A 51 -1.88 -11.98 -0.03
N LEU A 52 -2.31 -12.01 -1.26
CA LEU A 52 -3.77 -11.81 -1.53
C LEU A 52 -4.60 -12.45 -0.42
N THR A 53 -5.30 -11.66 0.33
CA THR A 53 -6.13 -12.22 1.45
C THR A 53 -6.89 -11.09 2.13
N ALA A 54 -7.65 -11.41 3.14
CA ALA A 54 -8.43 -10.36 3.86
C ALA A 54 -7.89 -10.19 5.28
N SER A 1 -15.10 -1.02 2.02
CA SER A 1 -14.93 -1.13 0.54
C SER A 1 -14.40 0.20 0.00
N GLY A 2 -14.93 0.65 -1.11
CA GLY A 2 -14.46 1.93 -1.69
C GLY A 2 -12.94 1.89 -1.88
N PRO A 3 -12.49 1.21 -2.91
CA PRO A 3 -11.03 1.08 -3.20
C PRO A 3 -10.40 2.41 -3.60
N LEU A 4 -9.15 2.40 -3.96
CA LEU A 4 -8.49 3.68 -4.35
C LEU A 4 -8.68 3.88 -5.86
N PRO A 5 -8.13 4.94 -6.44
CA PRO A 5 -8.26 5.24 -7.88
C PRO A 5 -8.63 4.04 -8.75
N ASP A 6 -8.50 2.85 -8.24
CA ASP A 6 -8.86 1.62 -9.03
C ASP A 6 -7.59 0.87 -9.41
N GLY A 7 -7.42 -0.30 -8.87
CA GLY A 7 -6.19 -1.08 -9.20
C GLY A 7 -5.31 -1.18 -7.96
N TRP A 8 -5.62 -0.46 -6.92
CA TRP A 8 -4.79 -0.53 -5.70
C TRP A 8 -5.58 -0.06 -4.48
N GLU A 9 -5.09 -0.32 -3.31
CA GLU A 9 -5.81 0.11 -2.08
C GLU A 9 -4.85 0.20 -0.90
N GLN A 10 -5.12 1.09 0.03
CA GLN A 10 -4.23 1.23 1.21
C GLN A 10 -4.78 0.34 2.34
N ALA A 11 -3.95 -0.48 2.91
CA ALA A 11 -4.43 -1.37 4.00
C ALA A 11 -3.34 -1.54 5.06
N MET A 12 -3.53 -2.43 5.99
CA MET A 12 -2.51 -2.65 7.05
C MET A 12 -2.11 -4.13 7.08
N THR A 13 -0.95 -4.42 7.57
CA THR A 13 -0.50 -5.84 7.63
C THR A 13 -0.94 -6.44 8.97
N GLN A 14 -0.32 -7.52 9.38
CA GLN A 14 -0.71 -8.13 10.69
C GLN A 14 0.01 -7.39 11.81
N ASP A 15 0.94 -6.55 11.47
CA ASP A 15 1.67 -5.79 12.51
C ASP A 15 1.32 -4.32 12.39
N GLY A 16 0.26 -4.02 11.71
CA GLY A 16 -0.16 -2.61 11.54
C GLY A 16 0.98 -1.80 10.91
N GLU A 17 1.57 -2.31 9.87
CA GLU A 17 2.69 -1.58 9.22
C GLU A 17 2.15 -0.76 8.05
N ILE A 18 0.88 -0.54 8.06
CA ILE A 18 0.22 0.23 6.95
C ILE A 18 0.95 -0.04 5.63
N TYR A 19 0.34 -0.78 4.76
CA TYR A 19 0.98 -1.09 3.46
C TYR A 19 -0.01 -0.81 2.31
N TYR A 20 0.50 -0.51 1.15
CA TYR A 20 -0.40 -0.24 0.00
C TYR A 20 -0.37 -1.43 -0.95
N ILE A 21 -1.47 -1.77 -1.55
CA ILE A 21 -1.49 -2.94 -2.46
C ILE A 21 -1.98 -2.54 -3.85
N ASN A 22 -1.26 -2.90 -4.88
CA ASN A 22 -1.68 -2.54 -6.27
C ASN A 22 -2.22 -3.78 -6.98
N HIS A 23 -3.51 -3.88 -7.13
CA HIS A 23 -4.10 -5.06 -7.82
C HIS A 23 -3.72 -5.02 -9.31
N LYS A 24 -3.02 -3.99 -9.72
CA LYS A 24 -2.63 -3.90 -11.15
C LYS A 24 -1.26 -4.57 -11.34
N ASN A 25 -0.37 -4.39 -10.41
CA ASN A 25 0.97 -5.01 -10.53
C ASN A 25 1.05 -6.19 -9.56
N LYS A 26 -0.04 -6.54 -8.94
CA LYS A 26 -0.04 -7.67 -7.99
C LYS A 26 1.09 -7.47 -6.97
N THR A 27 1.30 -6.27 -6.54
CA THR A 27 2.39 -6.01 -5.55
C THR A 27 1.94 -4.92 -4.57
N THR A 28 2.65 -4.77 -3.48
CA THR A 28 2.29 -3.73 -2.51
C THR A 28 3.38 -2.68 -2.42
N SER A 29 3.13 -1.58 -1.77
CA SER A 29 4.17 -0.52 -1.67
C SER A 29 3.79 0.49 -0.57
N TRP A 30 4.56 1.54 -0.45
CA TRP A 30 4.25 2.56 0.59
C TRP A 30 4.09 3.93 -0.08
N LEU A 31 4.66 4.09 -1.23
CA LEU A 31 4.55 5.41 -1.95
C LEU A 31 3.19 6.03 -1.66
N ASP A 32 3.12 7.33 -1.63
CA ASP A 32 1.83 8.01 -1.35
C ASP A 32 1.40 8.84 -2.57
N PRO A 33 0.35 8.42 -3.23
CA PRO A 33 -0.16 9.14 -4.44
C PRO A 33 -0.96 10.39 -4.07
N ARG A 34 -2.16 10.23 -3.61
CA ARG A 34 -2.99 11.41 -3.24
C ARG A 34 -3.58 11.20 -1.85
N LEU A 35 -2.88 10.49 -1.00
CA LEU A 35 -3.41 10.24 0.37
C LEU A 35 -2.24 10.00 1.32
N ASP A 36 -1.70 11.04 1.90
CA ASP A 36 -0.56 10.87 2.84
C ASP A 36 -0.98 11.31 4.24
N PRO A 37 -1.50 10.40 5.02
CA PRO A 37 -1.95 10.69 6.41
C PRO A 37 -0.78 10.73 7.39
N ARG A 38 0.32 11.29 6.99
CA ARG A 38 1.50 11.37 7.91
C ARG A 38 1.54 10.12 8.80
N GLY A 39 1.06 10.24 10.00
CA GLY A 39 1.06 9.06 10.92
C GLY A 39 2.42 8.96 11.62
N GLY A 40 3.37 8.30 11.02
CA GLY A 40 4.71 8.18 11.65
C GLY A 40 5.79 8.62 10.66
N GLY A 41 5.94 7.90 9.58
CA GLY A 41 6.98 8.28 8.59
C GLY A 41 8.17 7.32 8.70
N GLY A 42 9.22 7.58 7.96
CA GLY A 42 10.41 6.69 8.03
C GLY A 42 10.84 6.30 6.61
N ASN A 43 11.60 5.24 6.48
CA ASN A 43 12.06 4.83 5.13
C ASN A 43 11.32 3.55 4.71
N ARG A 44 10.81 2.82 5.67
CA ARG A 44 10.07 1.57 5.32
C ARG A 44 10.88 0.77 4.30
N GLN A 45 11.63 -0.20 4.74
CA GLN A 45 12.43 -1.01 3.78
C GLN A 45 11.57 -1.36 2.56
N PRO A 46 12.18 -1.94 1.55
CA PRO A 46 11.47 -2.33 0.30
C PRO A 46 10.20 -3.14 0.60
N PRO A 47 9.13 -2.86 -0.11
CA PRO A 47 7.83 -3.57 0.06
C PRO A 47 7.84 -4.97 -0.56
N PRO A 48 7.82 -5.99 0.27
CA PRO A 48 7.82 -7.40 -0.21
C PRO A 48 6.58 -7.72 -1.06
N PRO A 49 6.62 -8.80 -1.79
CA PRO A 49 5.48 -9.21 -2.65
C PRO A 49 4.24 -9.62 -1.84
N TYR A 50 3.19 -8.87 -1.95
CA TYR A 50 1.95 -9.20 -1.18
C TYR A 50 1.25 -10.40 -1.84
N PRO A 51 1.03 -11.45 -1.09
CA PRO A 51 0.36 -12.68 -1.59
C PRO A 51 -1.15 -12.51 -1.71
N LEU A 52 -1.68 -12.63 -2.90
CA LEU A 52 -3.15 -12.47 -3.08
C LEU A 52 -3.85 -13.80 -2.77
N THR A 53 -5.07 -13.75 -2.32
CA THR A 53 -5.80 -15.01 -1.99
C THR A 53 -5.61 -16.01 -3.13
N ALA A 54 -6.14 -17.19 -3.00
CA ALA A 54 -5.98 -18.21 -4.07
C ALA A 54 -7.30 -18.97 -4.25
N SER A 1 -15.72 2.03 2.16
CA SER A 1 -14.85 3.14 1.68
C SER A 1 -14.62 2.99 0.18
N GLY A 2 -14.33 1.80 -0.28
CA GLY A 2 -14.09 1.60 -1.74
C GLY A 2 -12.60 1.64 -2.02
N PRO A 3 -12.21 1.20 -3.18
CA PRO A 3 -10.77 1.18 -3.60
C PRO A 3 -10.24 2.58 -3.91
N LEU A 4 -8.97 2.70 -4.16
CA LEU A 4 -8.40 4.04 -4.48
C LEU A 4 -8.59 4.30 -5.98
N PRO A 5 -8.03 5.36 -6.53
CA PRO A 5 -8.17 5.68 -7.95
C PRO A 5 -8.62 4.49 -8.80
N ASP A 6 -8.03 3.34 -8.59
CA ASP A 6 -8.44 2.14 -9.36
C ASP A 6 -7.23 1.24 -9.61
N GLY A 7 -7.21 0.09 -9.00
CA GLY A 7 -6.07 -0.84 -9.20
C GLY A 7 -5.17 -0.85 -7.97
N TRP A 8 -5.49 -0.09 -6.96
CA TRP A 8 -4.62 -0.11 -5.76
C TRP A 8 -5.34 0.50 -4.56
N GLU A 9 -4.80 0.32 -3.37
CA GLU A 9 -5.46 0.89 -2.16
C GLU A 9 -4.51 0.84 -0.96
N GLN A 10 -4.87 1.47 0.12
CA GLN A 10 -4.01 1.45 1.33
C GLN A 10 -4.46 0.33 2.26
N ALA A 11 -3.55 -0.28 2.96
CA ALA A 11 -3.94 -1.39 3.89
C ALA A 11 -2.95 -1.45 5.06
N MET A 12 -3.04 -2.47 5.86
CA MET A 12 -2.12 -2.60 7.01
C MET A 12 -1.63 -4.05 7.11
N THR A 13 -0.42 -4.25 7.57
CA THR A 13 0.11 -5.63 7.70
C THR A 13 -0.35 -6.22 9.03
N GLN A 14 0.28 -7.27 9.48
CA GLN A 14 -0.12 -7.89 10.77
C GLN A 14 0.51 -7.10 11.90
N ASP A 15 1.46 -6.27 11.57
CA ASP A 15 2.14 -5.45 12.61
C ASP A 15 1.80 -3.99 12.38
N GLY A 16 0.77 -3.76 11.62
CA GLY A 16 0.35 -2.36 11.34
C GLY A 16 1.51 -1.59 10.70
N GLU A 17 2.18 -2.19 9.75
CA GLU A 17 3.32 -1.49 9.09
C GLU A 17 2.77 -0.62 7.96
N ILE A 18 1.51 -0.38 8.01
CA ILE A 18 0.85 0.45 6.96
C ILE A 18 1.48 0.15 5.61
N TYR A 19 0.76 -0.56 4.77
CA TYR A 19 1.31 -0.90 3.43
C TYR A 19 0.23 -0.63 2.37
N TYR A 20 0.64 -0.41 1.16
CA TYR A 20 -0.36 -0.15 0.08
C TYR A 20 -0.39 -1.34 -0.87
N ILE A 21 -1.49 -1.53 -1.54
CA ILE A 21 -1.60 -2.70 -2.45
C ILE A 21 -2.02 -2.27 -3.85
N ASN A 22 -1.40 -2.84 -4.86
CA ASN A 22 -1.74 -2.48 -6.27
C ASN A 22 -2.38 -3.68 -6.97
N HIS A 23 -3.67 -3.66 -7.15
CA HIS A 23 -4.35 -4.80 -7.82
C HIS A 23 -3.91 -4.88 -9.28
N LYS A 24 -3.02 -4.00 -9.69
CA LYS A 24 -2.55 -4.02 -11.09
C LYS A 24 -1.42 -5.03 -11.23
N ASN A 25 -0.50 -5.01 -10.30
CA ASN A 25 0.64 -5.97 -10.35
C ASN A 25 0.58 -6.91 -9.15
N LYS A 26 -0.58 -7.06 -8.57
CA LYS A 26 -0.71 -7.95 -7.38
C LYS A 26 0.47 -7.74 -6.45
N THR A 27 0.85 -6.51 -6.25
CA THR A 27 2.01 -6.23 -5.35
C THR A 27 1.66 -5.06 -4.43
N THR A 28 2.32 -4.97 -3.31
CA THR A 28 2.04 -3.87 -2.36
C THR A 28 3.22 -2.91 -2.31
N SER A 29 3.02 -1.73 -1.80
CA SER A 29 4.14 -0.75 -1.73
C SER A 29 3.81 0.40 -0.77
N TRP A 30 4.66 1.39 -0.70
CA TRP A 30 4.38 2.53 0.21
C TRP A 30 4.19 3.80 -0.62
N LEU A 31 4.02 3.67 -1.90
CA LEU A 31 3.82 4.88 -2.76
C LEU A 31 2.56 5.62 -2.33
N ASP A 32 2.66 6.90 -2.11
CA ASP A 32 1.47 7.68 -1.68
C ASP A 32 1.20 8.81 -2.68
N PRO A 33 0.26 8.61 -3.57
CA PRO A 33 -0.09 9.61 -4.60
C PRO A 33 -1.09 10.65 -4.08
N ARG A 34 -2.11 10.21 -3.40
CA ARG A 34 -3.12 11.17 -2.86
C ARG A 34 -3.67 10.65 -1.54
N LEU A 35 -2.81 10.44 -0.57
CA LEU A 35 -3.28 9.93 0.75
C LEU A 35 -2.57 10.68 1.87
N ASP A 36 -2.55 11.99 1.80
CA ASP A 36 -1.87 12.78 2.86
C ASP A 36 -0.64 12.02 3.37
N PRO A 37 0.38 11.95 2.56
CA PRO A 37 1.64 11.25 2.92
C PRO A 37 2.18 11.68 4.28
N ARG A 38 2.18 10.80 5.25
CA ARG A 38 2.70 11.16 6.59
C ARG A 38 4.01 11.92 6.45
N GLY A 39 3.96 13.22 6.34
CA GLY A 39 5.22 14.01 6.19
C GLY A 39 6.12 13.34 5.16
N GLY A 40 7.04 12.52 5.61
CA GLY A 40 7.95 11.84 4.65
C GLY A 40 8.52 10.57 5.29
N GLY A 41 7.96 10.16 6.39
CA GLY A 41 8.45 8.92 7.06
C GLY A 41 9.98 8.90 7.02
N GLY A 42 10.55 8.29 6.02
CA GLY A 42 12.04 8.24 5.92
C GLY A 42 12.46 6.98 5.15
N ASN A 43 13.58 6.42 5.49
CA ASN A 43 14.04 5.19 4.78
C ASN A 43 13.02 4.07 4.99
N ARG A 44 12.39 3.61 3.95
CA ARG A 44 11.39 2.52 4.08
C ARG A 44 11.99 1.21 3.58
N GLN A 45 11.68 0.12 4.22
CA GLN A 45 12.23 -1.19 3.78
C GLN A 45 11.54 -1.62 2.48
N PRO A 46 12.10 -2.56 1.78
CA PRO A 46 11.53 -3.07 0.50
C PRO A 46 10.21 -3.81 0.71
N PRO A 47 9.18 -3.40 0.01
CA PRO A 47 7.83 -4.02 0.12
C PRO A 47 7.76 -5.38 -0.59
N PRO A 48 7.56 -6.43 0.16
CA PRO A 48 7.47 -7.81 -0.40
C PRO A 48 6.11 -8.08 -1.05
N PRO A 49 6.10 -8.66 -2.23
CA PRO A 49 4.85 -8.97 -2.96
C PRO A 49 3.77 -9.55 -2.04
N TYR A 50 2.68 -8.86 -1.89
CA TYR A 50 1.59 -9.37 -1.01
C TYR A 50 0.86 -10.52 -1.72
N PRO A 51 0.76 -11.66 -1.08
CA PRO A 51 0.07 -12.84 -1.67
C PRO A 51 -1.45 -12.70 -1.63
N LEU A 52 -2.09 -12.75 -2.77
CA LEU A 52 -3.57 -12.62 -2.79
C LEU A 52 -4.20 -13.95 -2.40
N THR A 53 -5.31 -13.92 -1.72
CA THR A 53 -5.97 -15.20 -1.32
C THR A 53 -6.45 -15.94 -2.56
N ALA A 54 -5.54 -16.39 -3.38
CA ALA A 54 -5.95 -17.12 -4.62
C ALA A 54 -4.88 -18.17 -4.96
N SER A 1 -15.49 4.67 0.26
CA SER A 1 -16.58 4.41 -0.72
C SER A 1 -16.10 3.40 -1.77
N GLY A 2 -15.17 2.57 -1.41
CA GLY A 2 -14.65 1.57 -2.39
C GLY A 2 -13.13 1.67 -2.48
N PRO A 3 -12.53 0.81 -3.25
CA PRO A 3 -11.04 0.79 -3.44
C PRO A 3 -10.49 2.17 -3.82
N LEU A 4 -9.21 2.26 -4.08
CA LEU A 4 -8.62 3.57 -4.45
C LEU A 4 -8.82 3.77 -5.95
N PRO A 5 -8.33 4.85 -6.53
CA PRO A 5 -8.49 5.13 -7.97
C PRO A 5 -8.89 3.91 -8.79
N ASP A 6 -8.21 2.80 -8.62
CA ASP A 6 -8.56 1.57 -9.37
C ASP A 6 -7.31 0.73 -9.62
N GLY A 7 -7.22 -0.40 -8.99
CA GLY A 7 -6.04 -1.27 -9.21
C GLY A 7 -5.17 -1.26 -7.95
N TRP A 8 -5.58 -0.55 -6.93
CA TRP A 8 -4.74 -0.52 -5.69
C TRP A 8 -5.55 -0.03 -4.50
N GLU A 9 -5.06 -0.26 -3.32
CA GLU A 9 -5.81 0.18 -2.10
C GLU A 9 -4.85 0.35 -0.92
N GLN A 10 -5.14 1.26 -0.03
CA GLN A 10 -4.26 1.46 1.16
C GLN A 10 -4.77 0.56 2.30
N ALA A 11 -3.88 -0.12 2.97
CA ALA A 11 -4.32 -1.01 4.08
C ALA A 11 -3.20 -1.13 5.12
N MET A 12 -3.36 -2.03 6.06
CA MET A 12 -2.31 -2.20 7.10
C MET A 12 -1.85 -3.65 7.14
N THR A 13 -0.70 -3.90 7.72
CA THR A 13 -0.19 -5.29 7.79
C THR A 13 -0.60 -5.90 9.13
N GLN A 14 0.07 -6.94 9.55
CA GLN A 14 -0.29 -7.56 10.86
C GLN A 14 0.39 -6.78 11.97
N ASP A 15 1.28 -5.89 11.62
CA ASP A 15 1.98 -5.08 12.64
C ASP A 15 1.55 -3.62 12.48
N GLY A 16 0.45 -3.41 11.84
CA GLY A 16 -0.05 -2.02 11.63
C GLY A 16 1.05 -1.17 10.99
N GLU A 17 1.70 -1.68 9.98
CA GLU A 17 2.78 -0.89 9.33
C GLU A 17 2.20 -0.11 8.17
N ILE A 18 0.91 0.00 8.14
CA ILE A 18 0.22 0.74 7.05
C ILE A 18 0.98 0.55 5.72
N TYR A 19 0.43 -0.20 4.83
CA TYR A 19 1.10 -0.42 3.52
C TYR A 19 0.07 -0.33 2.39
N TYR A 20 0.51 -0.15 1.18
CA TYR A 20 -0.46 -0.03 0.04
C TYR A 20 -0.40 -1.28 -0.82
N ILE A 21 -1.48 -1.63 -1.44
CA ILE A 21 -1.50 -2.84 -2.28
C ILE A 21 -1.97 -2.50 -3.70
N ASN A 22 -1.23 -2.89 -4.70
CA ASN A 22 -1.61 -2.57 -6.10
C ASN A 22 -2.22 -3.81 -6.75
N HIS A 23 -3.52 -3.83 -6.92
CA HIS A 23 -4.18 -5.00 -7.55
C HIS A 23 -3.74 -5.11 -9.02
N LYS A 24 -2.94 -4.18 -9.47
CA LYS A 24 -2.47 -4.23 -10.87
C LYS A 24 -1.11 -4.92 -10.94
N ASN A 25 -0.25 -4.62 -10.01
CA ASN A 25 1.10 -5.26 -10.00
C ASN A 25 1.08 -6.40 -8.98
N LYS A 26 -0.08 -6.80 -8.53
CA LYS A 26 -0.16 -7.89 -7.54
C LYS A 26 0.92 -7.70 -6.48
N THR A 27 1.19 -6.47 -6.11
CA THR A 27 2.23 -6.21 -5.09
C THR A 27 1.82 -5.04 -4.21
N THR A 28 2.54 -4.79 -3.14
CA THR A 28 2.18 -3.66 -2.26
C THR A 28 3.29 -2.61 -2.30
N SER A 29 3.07 -1.48 -1.70
CA SER A 29 4.11 -0.42 -1.72
C SER A 29 3.76 0.67 -0.69
N TRP A 30 4.67 1.58 -0.46
CA TRP A 30 4.39 2.67 0.53
C TRP A 30 4.19 3.98 -0.23
N LEU A 31 4.87 4.14 -1.33
CA LEU A 31 4.74 5.41 -2.12
C LEU A 31 3.29 5.93 -2.01
N ASP A 32 3.11 7.20 -2.24
CA ASP A 32 1.73 7.77 -2.14
C ASP A 32 1.28 8.26 -3.51
N PRO A 33 0.51 7.46 -4.21
CA PRO A 33 0.00 7.80 -5.56
C PRO A 33 -0.77 9.13 -5.57
N ARG A 34 -1.84 9.21 -4.83
CA ARG A 34 -2.63 10.47 -4.79
C ARG A 34 -2.64 11.01 -3.36
N LEU A 35 -1.63 10.69 -2.60
CA LEU A 35 -1.57 11.18 -1.19
C LEU A 35 -0.25 11.92 -0.97
N ASP A 36 0.05 12.88 -1.80
CA ASP A 36 1.33 13.63 -1.63
C ASP A 36 1.03 15.11 -1.38
N PRO A 37 0.97 15.49 -0.13
CA PRO A 37 0.68 16.90 0.27
C PRO A 37 1.89 17.80 0.13
N ARG A 38 2.18 18.26 -1.06
CA ARG A 38 3.36 19.15 -1.25
C ARG A 38 4.59 18.53 -0.58
N GLY A 39 5.20 17.57 -1.22
CA GLY A 39 6.41 16.93 -0.62
C GLY A 39 6.15 15.43 -0.42
N GLY A 40 6.18 14.68 -1.49
CA GLY A 40 5.94 13.21 -1.36
C GLY A 40 7.07 12.56 -0.57
N GLY A 41 6.97 11.29 -0.29
CA GLY A 41 8.04 10.62 0.49
C GLY A 41 7.49 9.36 1.15
N GLY A 42 8.27 8.31 1.24
CA GLY A 42 7.77 7.06 1.88
C GLY A 42 8.96 6.23 2.34
N ASN A 43 10.13 6.49 1.83
CA ASN A 43 11.32 5.70 2.26
C ASN A 43 10.96 4.21 2.30
N ARG A 44 11.71 3.45 3.04
CA ARG A 44 11.40 1.99 3.13
C ARG A 44 11.44 1.37 1.73
N GLN A 45 12.24 0.36 1.53
CA GLN A 45 12.33 -0.29 0.20
C GLN A 45 11.00 -1.00 -0.11
N PRO A 46 10.80 -1.37 -1.34
CA PRO A 46 9.55 -2.07 -1.79
C PRO A 46 9.19 -3.22 -0.85
N PRO A 47 7.94 -3.28 -0.46
CA PRO A 47 7.44 -4.36 0.45
C PRO A 47 7.21 -5.69 -0.28
N PRO A 48 7.37 -6.79 0.41
CA PRO A 48 7.16 -8.14 -0.17
C PRO A 48 5.83 -8.23 -0.93
N PRO A 49 5.69 -9.20 -1.79
CA PRO A 49 4.44 -9.40 -2.58
C PRO A 49 3.24 -9.74 -1.69
N TYR A 50 2.29 -8.86 -1.61
CA TYR A 50 1.10 -9.11 -0.76
C TYR A 50 0.37 -10.37 -1.26
N PRO A 51 0.12 -11.31 -0.38
CA PRO A 51 -0.58 -12.58 -0.74
C PRO A 51 -2.10 -12.38 -0.86
N LEU A 52 -2.59 -12.24 -2.07
CA LEU A 52 -4.05 -12.04 -2.25
C LEU A 52 -4.81 -13.13 -1.48
N THR A 53 -5.93 -12.79 -0.90
CA THR A 53 -6.71 -13.81 -0.14
C THR A 53 -6.59 -15.17 -0.83
N ALA A 54 -6.41 -16.22 -0.07
CA ALA A 54 -6.29 -17.57 -0.69
C ALA A 54 -7.42 -17.77 -1.69
N SER A 1 -14.42 3.07 2.97
CA SER A 1 -14.77 3.90 1.77
C SER A 1 -14.89 2.98 0.55
N GLY A 2 -13.79 2.54 0.02
CA GLY A 2 -13.84 1.64 -1.18
C GLY A 2 -12.48 1.66 -1.88
N PRO A 3 -12.39 0.94 -2.97
CA PRO A 3 -11.12 0.85 -3.76
C PRO A 3 -10.53 2.23 -4.05
N LEU A 4 -9.24 2.32 -4.20
CA LEU A 4 -8.61 3.63 -4.49
C LEU A 4 -8.75 3.91 -6.01
N PRO A 5 -8.21 4.98 -6.51
CA PRO A 5 -8.31 5.34 -7.94
C PRO A 5 -8.71 4.15 -8.82
N ASP A 6 -8.08 3.03 -8.66
CA ASP A 6 -8.44 1.84 -9.48
C ASP A 6 -7.21 0.97 -9.72
N GLY A 7 -7.20 -0.19 -9.13
CA GLY A 7 -6.03 -1.11 -9.33
C GLY A 7 -5.17 -1.13 -8.06
N TRP A 8 -5.57 -0.44 -7.04
CA TRP A 8 -4.75 -0.45 -5.80
C TRP A 8 -5.58 0.00 -4.58
N GLU A 9 -5.06 -0.22 -3.40
CA GLU A 9 -5.82 0.16 -2.18
C GLU A 9 -4.86 0.25 -0.98
N GLN A 10 -5.12 1.13 -0.06
CA GLN A 10 -4.25 1.26 1.14
C GLN A 10 -4.66 0.19 2.16
N ALA A 11 -3.71 -0.38 2.85
CA ALA A 11 -4.06 -1.43 3.85
C ALA A 11 -3.03 -1.44 4.97
N MET A 12 -3.12 -2.38 5.87
CA MET A 12 -2.14 -2.45 6.99
C MET A 12 -1.69 -3.90 7.17
N THR A 13 -0.49 -4.10 7.65
CA THR A 13 0.02 -5.48 7.85
C THR A 13 -0.46 -6.00 9.20
N GLN A 14 0.16 -7.01 9.72
CA GLN A 14 -0.26 -7.55 11.05
C GLN A 14 0.39 -6.71 12.14
N ASP A 15 1.32 -5.86 11.76
CA ASP A 15 2.01 -5.01 12.76
C ASP A 15 1.61 -3.55 12.51
N GLY A 16 0.59 -3.36 11.74
CA GLY A 16 0.14 -1.98 11.44
C GLY A 16 1.28 -1.17 10.81
N GLU A 17 1.94 -1.73 9.83
CA GLU A 17 3.06 -1.00 9.17
C GLU A 17 2.50 -0.24 7.98
N ILE A 18 1.22 -0.06 7.97
CA ILE A 18 0.55 0.66 6.84
C ILE A 18 1.24 0.30 5.53
N TYR A 19 0.59 -0.48 4.72
CA TYR A 19 1.18 -0.87 3.41
C TYR A 19 0.16 -0.63 2.31
N TYR A 20 0.60 -0.40 1.10
CA TYR A 20 -0.35 -0.17 -0.02
C TYR A 20 -0.38 -1.39 -0.91
N ILE A 21 -1.49 -1.68 -1.53
CA ILE A 21 -1.56 -2.88 -2.41
C ILE A 21 -2.02 -2.47 -3.81
N ASN A 22 -1.23 -2.81 -4.81
CA ASN A 22 -1.61 -2.45 -6.22
C ASN A 22 -2.16 -3.68 -6.94
N HIS A 23 -3.46 -3.73 -7.12
CA HIS A 23 -4.07 -4.90 -7.82
C HIS A 23 -3.58 -4.93 -9.27
N LYS A 24 -2.81 -3.97 -9.67
CA LYS A 24 -2.30 -3.95 -11.07
C LYS A 24 -1.19 -5.00 -11.22
N ASN A 25 -0.27 -5.01 -10.30
CA ASN A 25 0.84 -6.00 -10.36
C ASN A 25 0.72 -6.96 -9.18
N LYS A 26 -0.41 -6.97 -8.52
CA LYS A 26 -0.59 -7.88 -7.36
C LYS A 26 0.58 -7.73 -6.40
N THR A 27 0.96 -6.51 -6.10
CA THR A 27 2.09 -6.29 -5.16
C THR A 27 1.77 -5.12 -4.24
N THR A 28 2.38 -5.06 -3.09
CA THR A 28 2.11 -3.95 -2.16
C THR A 28 3.26 -2.94 -2.20
N SER A 29 3.02 -1.73 -1.80
CA SER A 29 4.11 -0.70 -1.83
C SER A 29 3.81 0.41 -0.81
N TRP A 30 4.60 1.45 -0.81
CA TRP A 30 4.38 2.56 0.16
C TRP A 30 4.14 3.85 -0.61
N LEU A 31 4.74 3.98 -1.77
CA LEU A 31 4.56 5.23 -2.57
C LEU A 31 3.14 5.78 -2.36
N ASP A 32 2.96 7.05 -2.57
CA ASP A 32 1.62 7.65 -2.37
C ASP A 32 1.15 8.30 -3.69
N PRO A 33 0.46 7.56 -4.50
CA PRO A 33 -0.05 8.07 -5.81
C PRO A 33 -0.86 9.36 -5.64
N ARG A 34 -2.06 9.26 -5.14
CA ARG A 34 -2.88 10.49 -4.95
C ARG A 34 -3.68 10.36 -3.65
N LEU A 35 -3.04 9.99 -2.58
CA LEU A 35 -3.75 9.85 -1.28
C LEU A 35 -2.77 10.04 -0.13
N ASP A 36 -2.03 11.13 -0.15
CA ASP A 36 -1.05 11.37 0.95
C ASP A 36 -1.77 11.33 2.30
N PRO A 37 -1.31 10.50 3.21
CA PRO A 37 -1.92 10.37 4.56
C PRO A 37 -1.55 11.55 5.47
N ARG A 38 -1.54 11.32 6.76
CA ARG A 38 -1.20 12.42 7.71
C ARG A 38 0.32 12.66 7.69
N GLY A 39 0.74 13.88 7.74
CA GLY A 39 2.19 14.18 7.73
C GLY A 39 2.88 13.34 6.64
N GLY A 40 3.74 12.45 7.02
CA GLY A 40 4.44 11.60 6.01
C GLY A 40 5.33 10.58 6.72
N GLY A 41 6.61 10.63 6.46
CA GLY A 41 7.53 9.66 7.12
C GLY A 41 8.81 9.51 6.28
N GLY A 42 9.77 8.81 6.79
CA GLY A 42 11.04 8.63 6.02
C GLY A 42 10.82 7.64 4.88
N ASN A 43 11.71 6.70 4.71
CA ASN A 43 11.54 5.70 3.61
C ASN A 43 11.00 4.40 4.19
N ARG A 44 10.89 3.38 3.38
CA ARG A 44 10.37 2.08 3.88
C ARG A 44 11.08 0.93 3.15
N GLN A 45 11.40 -0.12 3.85
CA GLN A 45 12.09 -1.26 3.20
C GLN A 45 11.24 -1.78 2.04
N PRO A 46 11.83 -2.56 1.18
CA PRO A 46 11.13 -3.13 0.00
C PRO A 46 9.78 -3.74 0.37
N PRO A 47 8.75 -3.46 -0.40
CA PRO A 47 7.37 -3.97 -0.16
C PRO A 47 6.98 -5.18 -1.04
N PRO A 48 7.90 -6.07 -1.33
CA PRO A 48 7.59 -7.27 -2.17
C PRO A 48 6.32 -7.99 -1.71
N PRO A 49 6.14 -8.13 -0.41
CA PRO A 49 4.96 -8.83 0.17
C PRO A 49 3.63 -8.39 -0.47
N TYR A 50 2.57 -8.42 0.30
CA TYR A 50 1.23 -8.03 -0.21
C TYR A 50 0.18 -9.02 0.32
N PRO A 51 -0.38 -8.74 1.46
CA PRO A 51 -1.40 -9.61 2.10
C PRO A 51 -2.80 -9.38 1.50
N LEU A 52 -3.35 -10.36 0.86
CA LEU A 52 -4.71 -10.20 0.26
C LEU A 52 -5.74 -10.03 1.38
N THR A 53 -6.81 -9.31 1.12
CA THR A 53 -7.84 -9.11 2.17
C THR A 53 -9.14 -9.78 1.72
N ALA A 54 -9.07 -10.98 1.22
CA ALA A 54 -10.29 -11.68 0.77
C ALA A 54 -10.26 -13.14 1.24
N SER A 1 -11.74 6.15 2.41
CA SER A 1 -12.21 5.59 1.11
C SER A 1 -11.43 4.31 0.80
N GLY A 2 -12.07 3.18 0.87
CA GLY A 2 -11.36 1.90 0.58
C GLY A 2 -10.75 1.96 -0.83
N PRO A 3 -11.49 1.50 -1.81
CA PRO A 3 -11.04 1.49 -3.22
C PRO A 3 -10.31 2.79 -3.60
N LEU A 4 -9.05 2.70 -3.96
CA LEU A 4 -8.30 3.92 -4.34
C LEU A 4 -8.48 4.15 -5.85
N PRO A 5 -7.90 5.19 -6.41
CA PRO A 5 -8.03 5.51 -7.84
C PRO A 5 -8.54 4.33 -8.69
N ASP A 6 -7.95 3.18 -8.56
CA ASP A 6 -8.42 2.02 -9.37
C ASP A 6 -7.27 1.05 -9.62
N GLY A 7 -7.33 -0.10 -9.02
CA GLY A 7 -6.25 -1.10 -9.23
C GLY A 7 -5.36 -1.16 -7.99
N TRP A 8 -5.70 -0.43 -6.96
CA TRP A 8 -4.87 -0.46 -5.73
C TRP A 8 -5.66 0.06 -4.53
N GLU A 9 -5.14 -0.13 -3.34
CA GLU A 9 -5.89 0.34 -2.14
C GLU A 9 -4.95 0.40 -0.92
N GLN A 10 -5.37 1.06 0.13
CA GLN A 10 -4.51 1.14 1.35
C GLN A 10 -4.87 -0.01 2.29
N ALA A 11 -3.90 -0.60 2.93
CA ALA A 11 -4.20 -1.72 3.86
C ALA A 11 -3.13 -1.78 4.96
N MET A 12 -3.15 -2.82 5.75
CA MET A 12 -2.14 -2.93 6.84
C MET A 12 -1.54 -4.34 6.85
N THR A 13 -0.41 -4.51 7.47
CA THR A 13 0.24 -5.84 7.51
C THR A 13 -0.10 -6.52 8.84
N GLN A 14 0.65 -7.52 9.22
CA GLN A 14 0.37 -8.20 10.51
C GLN A 14 1.04 -7.43 11.64
N ASP A 15 1.87 -6.47 11.29
CA ASP A 15 2.55 -5.66 12.32
C ASP A 15 2.05 -4.23 12.23
N GLY A 16 0.92 -4.05 11.62
CA GLY A 16 0.34 -2.69 11.48
C GLY A 16 1.35 -1.77 10.79
N GLU A 17 2.04 -2.27 9.79
CA GLU A 17 3.02 -1.43 9.08
C GLU A 17 2.31 -0.60 8.01
N ILE A 18 1.03 -0.50 8.14
CA ILE A 18 0.21 0.27 7.17
C ILE A 18 0.94 0.36 5.81
N TYR A 19 0.44 -0.33 4.83
CA TYR A 19 1.08 -0.29 3.49
C TYR A 19 0.01 -0.22 2.40
N TYR A 20 0.40 -0.11 1.18
CA TYR A 20 -0.61 -0.02 0.08
C TYR A 20 -0.57 -1.28 -0.78
N ILE A 21 -1.65 -1.58 -1.45
CA ILE A 21 -1.70 -2.80 -2.28
C ILE A 21 -2.13 -2.44 -3.72
N ASN A 22 -1.38 -2.87 -4.70
CA ASN A 22 -1.73 -2.56 -6.11
C ASN A 22 -2.30 -3.80 -6.78
N HIS A 23 -3.59 -3.84 -6.98
CA HIS A 23 -4.21 -5.03 -7.63
C HIS A 23 -3.77 -5.11 -9.09
N LYS A 24 -2.93 -4.20 -9.50
CA LYS A 24 -2.45 -4.22 -10.91
C LYS A 24 -1.22 -5.11 -11.02
N ASN A 25 -0.35 -5.04 -10.03
CA ASN A 25 0.86 -5.88 -10.05
C ASN A 25 0.82 -6.85 -8.87
N LYS A 26 -0.34 -7.06 -8.31
CA LYS A 26 -0.46 -8.00 -7.17
C LYS A 26 0.68 -7.74 -6.17
N THR A 27 1.01 -6.50 -5.95
CA THR A 27 2.12 -6.18 -5.00
C THR A 27 1.72 -4.99 -4.12
N THR A 28 2.30 -4.87 -2.97
CA THR A 28 1.96 -3.74 -2.08
C THR A 28 3.13 -2.74 -2.04
N SER A 29 2.87 -1.56 -1.58
CA SER A 29 3.97 -0.54 -1.53
C SER A 29 3.64 0.53 -0.49
N TRP A 30 4.63 1.25 -0.04
CA TRP A 30 4.37 2.32 0.97
C TRP A 30 4.16 3.66 0.25
N LEU A 31 4.31 3.68 -1.05
CA LEU A 31 4.12 4.94 -1.81
C LEU A 31 2.88 5.68 -1.28
N ASP A 32 2.97 6.98 -1.16
CA ASP A 32 1.80 7.76 -0.66
C ASP A 32 1.40 8.81 -1.70
N PRO A 33 0.43 8.50 -2.51
CA PRO A 33 -0.06 9.43 -3.56
C PRO A 33 -1.00 10.50 -3.01
N ARG A 34 -2.17 10.12 -2.56
CA ARG A 34 -3.12 11.12 -2.01
C ARG A 34 -3.61 10.66 -0.64
N LEU A 35 -2.71 10.22 0.21
CA LEU A 35 -3.13 9.76 1.55
C LEU A 35 -2.06 10.15 2.58
N ASP A 36 -1.58 11.36 2.53
CA ASP A 36 -0.54 11.79 3.49
C ASP A 36 -0.56 13.32 3.63
N PRO A 37 -0.72 13.82 4.83
CA PRO A 37 -0.76 15.28 5.09
C PRO A 37 0.63 15.92 5.03
N ARG A 38 0.75 17.13 5.49
CA ARG A 38 2.08 17.81 5.47
C ARG A 38 3.06 17.02 6.34
N GLY A 39 4.32 17.00 5.96
CA GLY A 39 5.32 16.25 6.77
C GLY A 39 4.86 14.81 6.95
N GLY A 40 5.64 14.02 7.63
CA GLY A 40 5.24 12.59 7.85
C GLY A 40 5.90 11.72 6.77
N GLY A 41 7.15 11.40 6.95
CA GLY A 41 7.85 10.54 5.94
C GLY A 41 9.21 10.10 6.50
N GLY A 42 9.73 9.01 6.02
CA GLY A 42 11.05 8.53 6.52
C GLY A 42 11.47 7.29 5.73
N ASN A 43 10.75 6.95 4.70
CA ASN A 43 11.11 5.76 3.89
C ASN A 43 10.72 4.49 4.65
N ARG A 44 10.52 3.40 3.96
CA ARG A 44 10.14 2.14 4.64
C ARG A 44 10.91 0.97 4.01
N GLN A 45 11.07 -0.10 4.73
CA GLN A 45 11.81 -1.28 4.18
C GLN A 45 11.14 -1.74 2.89
N PRO A 46 11.88 -2.34 2.01
CA PRO A 46 11.35 -2.85 0.71
C PRO A 46 10.00 -3.56 0.88
N PRO A 47 9.02 -3.17 0.10
CA PRO A 47 7.66 -3.78 0.16
C PRO A 47 7.62 -5.17 -0.50
N PRO A 48 7.43 -6.19 0.29
CA PRO A 48 7.38 -7.59 -0.22
C PRO A 48 6.02 -7.93 -0.84
N PRO A 49 6.02 -8.74 -1.87
CA PRO A 49 4.77 -9.14 -2.57
C PRO A 49 3.64 -9.48 -1.60
N TYR A 50 2.60 -8.70 -1.59
CA TYR A 50 1.46 -8.99 -0.67
C TYR A 50 0.72 -10.24 -1.14
N PRO A 51 -0.11 -10.79 -0.31
CA PRO A 51 -0.90 -12.02 -0.63
C PRO A 51 -1.57 -11.94 -2.00
N LEU A 52 -2.67 -12.61 -2.18
CA LEU A 52 -3.37 -12.58 -3.49
C LEU A 52 -2.42 -13.05 -4.59
N THR A 53 -2.14 -14.33 -4.64
CA THR A 53 -1.22 -14.85 -5.68
C THR A 53 -2.02 -15.16 -6.96
N ALA A 54 -1.35 -15.48 -8.02
CA ALA A 54 -2.07 -15.80 -9.29
C ALA A 54 -1.40 -16.98 -9.99
N SER A 1 -14.26 5.77 0.71
CA SER A 1 -15.40 5.30 -0.14
C SER A 1 -14.88 4.33 -1.19
N GLY A 2 -15.19 3.07 -1.05
CA GLY A 2 -14.72 2.07 -2.05
C GLY A 2 -13.19 2.01 -2.03
N PRO A 3 -12.61 1.31 -2.97
CA PRO A 3 -11.13 1.16 -3.07
C PRO A 3 -10.46 2.47 -3.53
N LEU A 4 -9.20 2.40 -3.91
CA LEU A 4 -8.51 3.63 -4.36
C LEU A 4 -8.80 3.83 -5.86
N PRO A 5 -8.28 4.87 -6.47
CA PRO A 5 -8.51 5.16 -7.90
C PRO A 5 -9.03 3.96 -8.68
N ASP A 6 -8.38 2.84 -8.59
CA ASP A 6 -8.85 1.64 -9.33
C ASP A 6 -7.66 0.73 -9.63
N GLY A 7 -7.62 -0.42 -9.00
CA GLY A 7 -6.50 -1.36 -9.24
C GLY A 7 -5.60 -1.41 -8.01
N TRP A 8 -5.87 -0.58 -7.02
CA TRP A 8 -5.01 -0.59 -5.82
C TRP A 8 -5.79 -0.10 -4.60
N GLU A 9 -5.22 -0.20 -3.43
CA GLU A 9 -5.95 0.23 -2.20
C GLU A 9 -5.00 0.35 -1.01
N GLN A 10 -5.40 1.04 0.02
CA GLN A 10 -4.53 1.19 1.22
C GLN A 10 -4.85 0.04 2.20
N ALA A 11 -3.83 -0.60 2.70
CA ALA A 11 -4.06 -1.72 3.66
C ALA A 11 -3.04 -1.66 4.79
N MET A 12 -3.00 -2.67 5.63
CA MET A 12 -2.03 -2.67 6.76
C MET A 12 -1.40 -4.07 6.89
N THR A 13 -0.26 -4.15 7.51
CA THR A 13 0.40 -5.48 7.68
C THR A 13 0.08 -6.05 9.06
N GLN A 14 0.84 -7.01 9.51
CA GLN A 14 0.57 -7.59 10.85
C GLN A 14 1.24 -6.71 11.91
N ASP A 15 2.02 -5.76 11.49
CA ASP A 15 2.69 -4.86 12.45
C ASP A 15 2.13 -3.46 12.29
N GLY A 16 1.00 -3.36 11.66
CA GLY A 16 0.36 -2.03 11.45
C GLY A 16 1.35 -1.09 10.75
N GLU A 17 1.94 -1.53 9.67
CA GLU A 17 2.90 -0.67 8.94
C GLU A 17 2.19 0.04 7.80
N ILE A 18 0.90 0.04 7.86
CA ILE A 18 0.07 0.69 6.80
C ILE A 18 0.82 0.68 5.47
N TYR A 19 0.34 -0.08 4.53
CA TYR A 19 1.02 -0.16 3.21
C TYR A 19 -0.02 0.03 2.10
N TYR A 20 0.42 0.06 0.87
CA TYR A 20 -0.54 0.22 -0.26
C TYR A 20 -0.49 -1.04 -1.12
N ILE A 21 -1.59 -1.42 -1.70
CA ILE A 21 -1.60 -2.66 -2.51
C ILE A 21 -2.12 -2.36 -3.92
N ASN A 22 -1.40 -2.78 -4.93
CA ASN A 22 -1.85 -2.53 -6.34
C ASN A 22 -2.31 -3.84 -6.97
N HIS A 23 -3.59 -4.03 -7.10
CA HIS A 23 -4.10 -5.29 -7.70
C HIS A 23 -3.72 -5.33 -9.18
N LYS A 24 -3.03 -4.33 -9.66
CA LYS A 24 -2.63 -4.32 -11.09
C LYS A 24 -1.38 -5.19 -11.26
N ASN A 25 -0.43 -5.05 -10.37
CA ASN A 25 0.81 -5.87 -10.47
C ASN A 25 0.90 -6.80 -9.25
N LYS A 26 -0.18 -6.93 -8.52
CA LYS A 26 -0.16 -7.81 -7.33
C LYS A 26 1.03 -7.46 -6.45
N THR A 27 1.23 -6.20 -6.19
CA THR A 27 2.38 -5.78 -5.34
C THR A 27 1.95 -4.67 -4.38
N THR A 28 2.63 -4.51 -3.29
CA THR A 28 2.24 -3.45 -2.33
C THR A 28 3.35 -2.40 -2.24
N SER A 29 3.05 -1.24 -1.75
CA SER A 29 4.11 -0.18 -1.65
C SER A 29 3.69 0.87 -0.62
N TRP A 30 4.60 1.73 -0.25
CA TRP A 30 4.26 2.80 0.74
C TRP A 30 4.00 4.12 0.01
N LEU A 31 4.36 4.19 -1.25
CA LEU A 31 4.15 5.45 -2.02
C LEU A 31 2.64 5.70 -2.15
N ASP A 32 2.21 6.91 -1.89
CA ASP A 32 0.76 7.22 -2.01
C ASP A 32 0.55 8.37 -3.00
N PRO A 33 0.19 8.05 -4.21
CA PRO A 33 -0.05 9.07 -5.28
C PRO A 33 -0.92 10.23 -4.78
N ARG A 34 -2.03 9.94 -4.16
CA ARG A 34 -2.90 11.02 -3.66
C ARG A 34 -3.48 10.63 -2.30
N LEU A 35 -2.62 10.33 -1.35
CA LEU A 35 -3.11 9.95 0.00
C LEU A 35 -2.18 10.53 1.07
N ASP A 36 -2.30 11.79 1.34
CA ASP A 36 -1.41 12.43 2.36
C ASP A 36 -0.03 11.79 2.30
N PRO A 37 0.62 11.89 1.17
CA PRO A 37 1.97 11.32 0.96
C PRO A 37 2.93 11.65 2.12
N ARG A 38 3.09 10.75 3.04
CA ARG A 38 4.00 11.02 4.19
C ARG A 38 5.46 10.94 3.72
N GLY A 39 6.37 10.79 4.62
CA GLY A 39 7.81 10.71 4.22
C GLY A 39 8.68 10.57 5.47
N GLY A 40 9.91 11.01 5.41
CA GLY A 40 10.80 10.90 6.60
C GLY A 40 10.70 9.50 7.18
N GLY A 41 10.74 8.49 6.34
CA GLY A 41 10.65 7.09 6.85
C GLY A 41 12.03 6.62 7.29
N GLY A 42 13.06 7.10 6.65
CA GLY A 42 14.45 6.67 7.02
C GLY A 42 14.72 5.28 6.45
N ASN A 43 14.67 5.14 5.15
CA ASN A 43 14.92 3.81 4.54
C ASN A 43 13.84 2.82 4.99
N ARG A 44 12.61 3.07 4.65
CA ARG A 44 11.53 2.14 5.06
C ARG A 44 11.93 0.70 4.77
N GLN A 45 11.07 -0.24 5.04
CA GLN A 45 11.41 -1.66 4.76
C GLN A 45 10.83 -2.07 3.40
N PRO A 46 11.63 -2.67 2.56
CA PRO A 46 11.19 -3.11 1.22
C PRO A 46 9.79 -3.74 1.24
N PRO A 47 8.93 -3.33 0.34
CA PRO A 47 7.54 -3.86 0.26
C PRO A 47 7.49 -5.31 -0.26
N PRO A 48 7.15 -6.23 0.59
CA PRO A 48 7.06 -7.67 0.21
C PRO A 48 5.74 -8.01 -0.48
N PRO A 49 5.76 -8.98 -1.37
CA PRO A 49 4.55 -9.41 -2.11
C PRO A 49 3.33 -9.55 -1.19
N TYR A 50 2.35 -8.70 -1.38
CA TYR A 50 1.13 -8.77 -0.52
C TYR A 50 0.35 -10.05 -0.85
N PRO A 51 -0.13 -10.73 0.16
CA PRO A 51 -0.92 -11.98 -0.02
C PRO A 51 -2.33 -11.71 -0.54
N LEU A 52 -2.69 -12.30 -1.65
CA LEU A 52 -4.05 -12.07 -2.21
C LEU A 52 -5.00 -13.14 -1.65
N THR A 53 -5.90 -12.75 -0.78
CA THR A 53 -6.85 -13.73 -0.19
C THR A 53 -8.24 -13.50 -0.80
N ALA A 54 -9.06 -14.52 -0.83
CA ALA A 54 -10.42 -14.36 -1.41
C ALA A 54 -11.45 -14.90 -0.42
N SER A 1 -13.33 -1.19 2.39
CA SER A 1 -14.52 -0.71 1.63
C SER A 1 -14.12 0.52 0.80
N GLY A 2 -14.46 0.53 -0.47
CA GLY A 2 -14.10 1.69 -1.33
C GLY A 2 -12.63 1.58 -1.73
N PRO A 3 -12.37 1.17 -2.95
CA PRO A 3 -10.98 1.03 -3.46
C PRO A 3 -10.36 2.38 -3.83
N LEU A 4 -9.08 2.40 -4.10
CA LEU A 4 -8.43 3.69 -4.46
C LEU A 4 -8.61 3.91 -5.97
N PRO A 5 -8.09 4.99 -6.52
CA PRO A 5 -8.22 5.30 -7.95
C PRO A 5 -8.65 4.10 -8.80
N ASP A 6 -8.04 2.96 -8.61
CA ASP A 6 -8.44 1.77 -9.39
C ASP A 6 -7.22 0.88 -9.64
N GLY A 7 -7.19 -0.28 -9.04
CA GLY A 7 -6.04 -1.19 -9.25
C GLY A 7 -5.18 -1.24 -7.99
N TRP A 8 -5.52 -0.48 -6.98
CA TRP A 8 -4.70 -0.51 -5.74
C TRP A 8 -5.50 -0.04 -4.54
N GLU A 9 -5.01 -0.27 -3.35
CA GLU A 9 -5.74 0.15 -2.13
C GLU A 9 -4.77 0.28 -0.95
N GLN A 10 -5.05 1.16 -0.03
CA GLN A 10 -4.16 1.34 1.15
C GLN A 10 -4.68 0.45 2.29
N ALA A 11 -3.81 -0.24 2.97
CA ALA A 11 -4.26 -1.13 4.07
C ALA A 11 -3.15 -1.25 5.13
N MET A 12 -3.32 -2.13 6.07
CA MET A 12 -2.28 -2.31 7.12
C MET A 12 -1.83 -3.76 7.15
N THR A 13 -0.63 -4.01 7.62
CA THR A 13 -0.13 -5.41 7.68
C THR A 13 -0.53 -6.04 9.02
N GLN A 14 0.15 -7.06 9.43
CA GLN A 14 -0.21 -7.71 10.73
C GLN A 14 0.47 -6.94 11.86
N ASP A 15 1.37 -6.06 11.52
CA ASP A 15 2.08 -5.27 12.56
C ASP A 15 1.67 -3.80 12.43
N GLY A 16 0.60 -3.56 11.74
CA GLY A 16 0.12 -2.16 11.55
C GLY A 16 1.23 -1.33 10.91
N GLU A 17 1.87 -1.85 9.89
CA GLU A 17 2.96 -1.09 9.22
C GLU A 17 2.38 -0.31 8.06
N ILE A 18 1.10 -0.14 8.05
CA ILE A 18 0.42 0.60 6.95
C ILE A 18 1.12 0.29 5.62
N TYR A 19 0.50 -0.47 4.79
CA TYR A 19 1.12 -0.83 3.48
C TYR A 19 0.11 -0.59 2.35
N TYR A 20 0.58 -0.37 1.16
CA TYR A 20 -0.34 -0.14 0.01
C TYR A 20 -0.29 -1.37 -0.90
N ILE A 21 -1.40 -1.71 -1.49
CA ILE A 21 -1.43 -2.90 -2.37
C ILE A 21 -1.91 -2.52 -3.77
N ASN A 22 -1.14 -2.89 -4.78
CA ASN A 22 -1.53 -2.56 -6.18
C ASN A 22 -2.02 -3.82 -6.87
N HIS A 23 -3.31 -3.94 -7.05
CA HIS A 23 -3.86 -5.15 -7.73
C HIS A 23 -3.46 -5.14 -9.21
N LYS A 24 -2.67 -4.20 -9.61
CA LYS A 24 -2.24 -4.14 -11.04
C LYS A 24 -1.00 -5.02 -11.23
N ASN A 25 -0.01 -4.85 -10.41
CA ASN A 25 1.22 -5.68 -10.53
C ASN A 25 1.25 -6.72 -9.42
N LYS A 26 0.12 -7.00 -8.82
CA LYS A 26 0.09 -8.01 -7.73
C LYS A 26 1.21 -7.71 -6.74
N THR A 27 1.35 -6.48 -6.35
CA THR A 27 2.43 -6.11 -5.39
C THR A 27 1.94 -5.03 -4.43
N THR A 28 2.72 -4.69 -3.45
CA THR A 28 2.29 -3.65 -2.48
C THR A 28 3.32 -2.51 -2.47
N SER A 29 2.88 -1.32 -2.17
CA SER A 29 3.84 -0.16 -2.15
C SER A 29 3.66 0.63 -0.85
N TRP A 30 4.42 1.68 -0.68
CA TRP A 30 4.29 2.49 0.56
C TRP A 30 3.89 3.93 0.19
N LEU A 31 4.64 4.55 -0.66
CA LEU A 31 4.32 5.94 -1.07
C LEU A 31 2.86 6.01 -1.54
N ASP A 32 2.19 7.09 -1.23
CA ASP A 32 0.77 7.23 -1.65
C ASP A 32 0.69 8.15 -2.87
N PRO A 33 0.46 7.59 -4.03
CA PRO A 33 0.37 8.38 -5.30
C PRO A 33 -0.53 9.61 -5.14
N ARG A 34 -1.75 9.41 -4.71
CA ARG A 34 -2.67 10.57 -4.54
C ARG A 34 -3.56 10.36 -3.31
N LEU A 35 -2.99 9.92 -2.23
CA LEU A 35 -3.80 9.69 -1.00
C LEU A 35 -3.02 10.16 0.22
N ASP A 36 -2.23 11.19 0.09
CA ASP A 36 -1.44 11.69 1.24
C ASP A 36 -0.28 12.55 0.73
N PRO A 37 0.12 13.53 1.49
CA PRO A 37 1.24 14.43 1.12
C PRO A 37 2.61 13.74 1.24
N ARG A 38 3.65 14.41 0.85
CA ARG A 38 5.01 13.79 0.94
C ARG A 38 5.46 13.79 2.41
N GLY A 39 6.33 14.70 2.76
CA GLY A 39 6.81 14.74 4.17
C GLY A 39 7.31 13.36 4.59
N GLY A 40 8.56 13.07 4.35
CA GLY A 40 9.10 11.74 4.73
C GLY A 40 10.46 11.91 5.41
N GLY A 41 10.80 11.05 6.33
CA GLY A 41 12.11 11.16 7.03
C GLY A 41 12.86 9.84 6.93
N GLY A 42 12.31 8.79 7.48
CA GLY A 42 12.99 7.47 7.42
C GLY A 42 12.81 6.87 6.01
N ASN A 43 13.10 5.60 5.88
CA ASN A 43 12.94 4.96 4.54
C ASN A 43 12.19 3.64 4.69
N ARG A 44 11.18 3.42 3.89
CA ARG A 44 10.41 2.15 3.99
C ARG A 44 11.12 1.05 3.20
N GLN A 45 11.51 0.00 3.85
CA GLN A 45 12.21 -1.11 3.14
C GLN A 45 11.30 -1.64 2.02
N PRO A 46 11.87 -2.32 1.07
CA PRO A 46 11.12 -2.90 -0.08
C PRO A 46 9.84 -3.61 0.38
N PRO A 47 8.73 -3.31 -0.25
CA PRO A 47 7.42 -3.92 0.08
C PRO A 47 7.30 -5.37 -0.41
N PRO A 48 7.28 -6.30 0.49
CA PRO A 48 7.16 -7.76 0.14
C PRO A 48 5.93 -8.03 -0.73
N PRO A 49 5.90 -9.15 -1.38
CA PRO A 49 4.77 -9.54 -2.26
C PRO A 49 3.48 -9.81 -1.47
N TYR A 50 2.51 -8.97 -1.62
CA TYR A 50 1.23 -9.16 -0.88
C TYR A 50 0.49 -10.38 -1.44
N PRO A 51 0.15 -11.32 -0.60
CA PRO A 51 -0.58 -12.55 -1.01
C PRO A 51 -2.07 -12.29 -1.26
N LEU A 52 -2.52 -12.46 -2.48
CA LEU A 52 -3.94 -12.22 -2.78
C LEU A 52 -4.81 -13.06 -1.84
N THR A 53 -5.65 -12.43 -1.07
CA THR A 53 -6.52 -13.19 -0.14
C THR A 53 -7.92 -12.59 -0.14
N ALA A 54 -8.89 -13.32 0.33
CA ALA A 54 -10.29 -12.79 0.37
C ALA A 54 -10.77 -12.70 1.81
N SER A 1 -17.48 4.20 -4.35
CA SER A 1 -17.34 2.72 -4.40
C SER A 1 -16.59 2.24 -3.16
N GLY A 2 -15.28 2.30 -3.20
CA GLY A 2 -14.49 1.84 -2.02
C GLY A 2 -13.00 1.86 -2.36
N PRO A 3 -12.58 0.98 -3.22
CA PRO A 3 -11.16 0.88 -3.65
C PRO A 3 -10.58 2.24 -4.04
N LEU A 4 -9.30 2.30 -4.30
CA LEU A 4 -8.69 3.60 -4.70
C LEU A 4 -8.81 3.76 -6.22
N PRO A 5 -8.26 4.80 -6.81
CA PRO A 5 -8.32 5.06 -8.26
C PRO A 5 -8.62 3.80 -9.10
N ASP A 6 -8.46 2.63 -8.54
CA ASP A 6 -8.74 1.37 -9.28
C ASP A 6 -7.43 0.65 -9.57
N GLY A 7 -7.22 -0.48 -8.97
CA GLY A 7 -5.97 -1.24 -9.21
C GLY A 7 -5.12 -1.24 -7.95
N TRP A 8 -5.53 -0.51 -6.93
CA TRP A 8 -4.73 -0.48 -5.69
C TRP A 8 -5.58 0.00 -4.52
N GLU A 9 -5.09 -0.18 -3.31
CA GLU A 9 -5.88 0.26 -2.12
C GLU A 9 -4.95 0.45 -0.92
N GLN A 10 -5.24 1.39 -0.07
CA GLN A 10 -4.41 1.61 1.14
C GLN A 10 -4.77 0.57 2.19
N ALA A 11 -3.81 -0.06 2.80
CA ALA A 11 -4.14 -1.08 3.83
C ALA A 11 -3.01 -1.18 4.86
N MET A 12 -3.07 -2.16 5.72
CA MET A 12 -2.01 -2.31 6.75
C MET A 12 -1.54 -3.76 6.81
N THR A 13 -0.39 -4.01 7.37
CA THR A 13 0.12 -5.39 7.44
C THR A 13 -0.34 -6.03 8.76
N GLN A 14 0.31 -7.08 9.19
CA GLN A 14 -0.10 -7.72 10.47
C GLN A 14 0.54 -6.97 11.63
N ASP A 15 1.45 -6.09 11.33
CA ASP A 15 2.13 -5.31 12.39
C ASP A 15 1.73 -3.85 12.26
N GLY A 16 0.68 -3.60 11.54
CA GLY A 16 0.22 -2.20 11.34
C GLY A 16 1.31 -1.37 10.68
N GLU A 17 2.13 -1.97 9.86
CA GLU A 17 3.20 -1.20 9.19
C GLU A 17 2.60 -0.39 8.05
N ILE A 18 1.32 -0.23 8.10
CA ILE A 18 0.61 0.55 7.04
C ILE A 18 1.28 0.30 5.68
N TYR A 19 0.66 -0.49 4.85
CA TYR A 19 1.26 -0.77 3.52
C TYR A 19 0.20 -0.61 2.43
N TYR A 20 0.60 -0.22 1.26
CA TYR A 20 -0.38 -0.02 0.15
C TYR A 20 -0.40 -1.28 -0.71
N ILE A 21 -1.51 -1.58 -1.33
CA ILE A 21 -1.59 -2.79 -2.16
C ILE A 21 -2.03 -2.43 -3.59
N ASN A 22 -1.25 -2.80 -4.57
CA ASN A 22 -1.61 -2.48 -5.98
C ASN A 22 -2.15 -3.74 -6.67
N HIS A 23 -3.45 -3.80 -6.86
CA HIS A 23 -4.03 -4.99 -7.52
C HIS A 23 -3.55 -5.07 -8.97
N LYS A 24 -2.85 -4.07 -9.42
CA LYS A 24 -2.34 -4.09 -10.82
C LYS A 24 -1.08 -4.95 -10.89
N ASN A 25 -0.13 -4.69 -10.03
CA ASN A 25 1.12 -5.48 -10.03
C ASN A 25 1.01 -6.57 -8.95
N LYS A 26 -0.17 -6.84 -8.49
CA LYS A 26 -0.34 -7.89 -7.43
C LYS A 26 0.75 -7.70 -6.37
N THR A 27 1.06 -6.48 -6.03
CA THR A 27 2.10 -6.23 -5.01
C THR A 27 1.70 -5.04 -4.13
N THR A 28 2.42 -4.81 -3.07
CA THR A 28 2.08 -3.67 -2.18
C THR A 28 3.19 -2.63 -2.25
N SER A 29 2.91 -1.43 -1.83
CA SER A 29 3.96 -0.36 -1.86
C SER A 29 3.65 0.70 -0.82
N TRP A 30 4.28 1.84 -0.90
CA TRP A 30 4.03 2.91 0.10
C TRP A 30 3.80 4.25 -0.64
N LEU A 31 3.99 4.26 -1.92
CA LEU A 31 3.79 5.53 -2.69
C LEU A 31 2.31 5.91 -2.66
N ASP A 32 2.01 7.15 -2.35
CA ASP A 32 0.59 7.58 -2.30
C ASP A 32 0.30 8.52 -3.48
N PRO A 33 -0.28 7.99 -4.53
CA PRO A 33 -0.63 8.78 -5.75
C PRO A 33 -1.35 10.08 -5.40
N ARG A 34 -2.54 9.99 -4.88
CA ARG A 34 -3.29 11.23 -4.53
C ARG A 34 -3.89 11.09 -3.13
N LEU A 35 -3.10 10.69 -2.17
CA LEU A 35 -3.61 10.53 -0.79
C LEU A 35 -2.46 10.73 0.21
N ASP A 36 -1.84 11.88 0.19
CA ASP A 36 -0.71 12.13 1.12
C ASP A 36 -1.19 13.04 2.27
N PRO A 37 -1.37 12.47 3.44
CA PRO A 37 -1.83 13.24 4.62
C PRO A 37 -0.69 14.02 5.29
N ARG A 38 -0.91 15.29 5.55
CA ARG A 38 0.15 16.11 6.19
C ARG A 38 1.53 15.66 5.68
N GLY A 39 2.27 14.94 6.49
CA GLY A 39 3.61 14.47 6.06
C GLY A 39 4.29 13.71 7.20
N GLY A 40 5.28 12.92 6.89
CA GLY A 40 5.97 12.15 7.96
C GLY A 40 6.54 10.85 7.38
N GLY A 41 7.61 10.36 7.92
CA GLY A 41 8.21 9.10 7.40
C GLY A 41 9.72 9.26 7.28
N GLY A 42 10.40 8.26 6.78
CA GLY A 42 11.88 8.36 6.63
C GLY A 42 12.38 7.24 5.72
N ASN A 43 12.13 6.01 6.08
CA ASN A 43 12.59 4.88 5.22
C ASN A 43 11.47 3.84 5.12
N ARG A 44 10.76 3.83 4.03
CA ARG A 44 9.66 2.84 3.87
C ARG A 44 10.26 1.44 3.69
N GLN A 45 10.15 0.61 4.71
CA GLN A 45 10.71 -0.77 4.59
C GLN A 45 10.37 -1.35 3.22
N PRO A 46 11.06 -2.39 2.84
CA PRO A 46 10.83 -3.05 1.52
C PRO A 46 9.44 -3.67 1.42
N PRO A 47 8.71 -3.35 0.39
CA PRO A 47 7.32 -3.86 0.18
C PRO A 47 7.31 -5.31 -0.31
N PRO A 48 6.86 -6.22 0.51
CA PRO A 48 6.79 -7.66 0.17
C PRO A 48 5.52 -7.99 -0.62
N PRO A 49 5.50 -9.12 -1.26
CA PRO A 49 4.32 -9.56 -2.07
C PRO A 49 3.07 -9.75 -1.20
N TYR A 50 2.14 -8.86 -1.30
CA TYR A 50 0.90 -8.97 -0.49
C TYR A 50 0.10 -10.22 -0.92
N PRO A 51 -0.16 -11.11 0.00
CA PRO A 51 -0.92 -12.36 -0.28
C PRO A 51 -2.42 -12.11 -0.38
N LEU A 52 -2.93 -11.91 -1.56
CA LEU A 52 -4.38 -11.66 -1.71
C LEU A 52 -5.16 -12.58 -0.78
N THR A 53 -6.17 -12.07 -0.13
CA THR A 53 -6.96 -12.92 0.81
C THR A 53 -8.26 -13.35 0.13
N ALA A 54 -8.22 -14.38 -0.67
CA ALA A 54 -9.44 -14.84 -1.37
C ALA A 54 -10.51 -15.21 -0.33
N SER A 1 -13.53 -1.65 2.41
CA SER A 1 -14.55 -1.19 1.42
C SER A 1 -14.26 0.25 1.02
N GLY A 2 -13.70 0.45 -0.15
CA GLY A 2 -13.39 1.84 -0.60
C GLY A 2 -12.15 1.82 -1.49
N PRO A 3 -12.25 1.20 -2.63
CA PRO A 3 -11.12 1.11 -3.61
C PRO A 3 -10.47 2.46 -3.86
N LEU A 4 -9.16 2.49 -4.00
CA LEU A 4 -8.47 3.78 -4.25
C LEU A 4 -8.57 4.09 -5.76
N PRO A 5 -7.97 5.15 -6.24
CA PRO A 5 -8.02 5.52 -7.66
C PRO A 5 -8.45 4.37 -8.56
N ASP A 6 -7.77 3.26 -8.51
CA ASP A 6 -8.17 2.11 -9.36
C ASP A 6 -6.99 1.17 -9.56
N GLY A 7 -7.06 0.01 -8.99
CA GLY A 7 -5.95 -0.98 -9.15
C GLY A 7 -5.15 -1.07 -7.84
N TRP A 8 -5.56 -0.38 -6.82
CA TRP A 8 -4.79 -0.46 -5.55
C TRP A 8 -5.62 -0.01 -4.36
N GLU A 9 -5.17 -0.31 -3.16
CA GLU A 9 -5.94 0.10 -1.95
C GLU A 9 -5.00 0.15 -0.74
N GLN A 10 -5.30 1.00 0.21
CA GLN A 10 -4.45 1.10 1.42
C GLN A 10 -4.92 0.07 2.45
N ALA A 11 -4.01 -0.64 3.06
CA ALA A 11 -4.42 -1.66 4.06
C ALA A 11 -3.31 -1.84 5.11
N MET A 12 -3.43 -2.83 5.94
CA MET A 12 -2.39 -3.06 6.98
C MET A 12 -1.86 -4.49 6.88
N THR A 13 -0.71 -4.74 7.44
CA THR A 13 -0.12 -6.11 7.37
C THR A 13 -0.53 -6.90 8.61
N GLN A 14 0.18 -7.94 8.94
CA GLN A 14 -0.19 -8.73 10.14
C GLN A 14 0.42 -8.07 11.37
N ASP A 15 1.30 -7.12 11.16
CA ASP A 15 1.93 -6.42 12.31
C ASP A 15 1.47 -4.96 12.30
N GLY A 16 0.40 -4.70 11.62
CA GLY A 16 -0.13 -3.31 11.55
C GLY A 16 0.96 -2.38 11.00
N GLU A 17 1.69 -2.83 10.01
CA GLU A 17 2.75 -1.97 9.42
C GLU A 17 2.15 -1.08 8.34
N ILE A 18 0.86 -0.97 8.35
CA ILE A 18 0.16 -0.14 7.34
C ILE A 18 0.87 -0.25 5.99
N TYR A 19 0.30 -0.96 5.07
CA TYR A 19 0.95 -1.10 3.73
C TYR A 19 -0.11 -0.93 2.64
N TYR A 20 0.31 -0.57 1.46
CA TYR A 20 -0.65 -0.37 0.34
C TYR A 20 -0.57 -1.55 -0.61
N ILE A 21 -1.65 -1.85 -1.27
CA ILE A 21 -1.66 -3.00 -2.20
C ILE A 21 -2.10 -2.57 -3.60
N ASN A 22 -1.34 -2.91 -4.61
CA ASN A 22 -1.70 -2.51 -5.99
C ASN A 22 -2.27 -3.73 -6.74
N HIS A 23 -3.56 -3.77 -6.93
CA HIS A 23 -4.17 -4.93 -7.64
C HIS A 23 -3.76 -4.90 -9.12
N LYS A 24 -3.01 -3.91 -9.51
CA LYS A 24 -2.56 -3.83 -10.92
C LYS A 24 -1.23 -4.57 -11.07
N ASN A 25 -0.34 -4.38 -10.13
CA ASN A 25 0.97 -5.06 -10.20
C ASN A 25 0.99 -6.23 -9.21
N LYS A 26 -0.15 -6.55 -8.65
CA LYS A 26 -0.21 -7.67 -7.68
C LYS A 26 0.89 -7.51 -6.63
N THR A 27 1.17 -6.30 -6.23
CA THR A 27 2.23 -6.06 -5.23
C THR A 27 1.80 -4.94 -4.27
N THR A 28 2.42 -4.87 -3.13
CA THR A 28 2.05 -3.80 -2.17
C THR A 28 3.15 -2.76 -2.10
N SER A 29 2.86 -1.61 -1.56
CA SER A 29 3.90 -0.55 -1.46
C SER A 29 3.45 0.51 -0.44
N TRP A 30 4.16 1.60 -0.36
CA TRP A 30 3.79 2.66 0.62
C TRP A 30 3.52 3.97 -0.13
N LEU A 31 3.76 3.98 -1.41
CA LEU A 31 3.50 5.22 -2.21
C LEU A 31 2.24 5.92 -1.68
N ASP A 32 2.38 7.13 -1.20
CA ASP A 32 1.20 7.86 -0.68
C ASP A 32 0.79 8.95 -1.67
N PRO A 33 -0.24 8.70 -2.43
CA PRO A 33 -0.75 9.67 -3.45
C PRO A 33 -1.60 10.77 -2.81
N ARG A 34 -2.68 10.41 -2.17
CA ARG A 34 -3.56 11.43 -1.54
C ARG A 34 -3.76 11.09 -0.06
N LEU A 35 -2.69 10.78 0.64
CA LEU A 35 -2.83 10.43 2.07
C LEU A 35 -1.49 10.67 2.79
N ASP A 36 -1.18 11.91 3.08
CA ASP A 36 0.10 12.20 3.78
C ASP A 36 0.38 13.70 3.71
N PRO A 37 -0.16 14.45 4.64
CA PRO A 37 0.03 15.93 4.70
C PRO A 37 1.41 16.32 5.27
N ARG A 38 2.33 16.64 4.40
CA ARG A 38 3.69 17.03 4.88
C ARG A 38 3.95 16.44 6.27
N GLY A 39 4.38 15.21 6.33
CA GLY A 39 4.66 14.58 7.65
C GLY A 39 6.02 13.90 7.63
N GLY A 40 7.05 14.60 8.02
CA GLY A 40 8.41 14.00 8.02
C GLY A 40 8.81 13.61 6.59
N GLY A 41 9.58 12.58 6.43
CA GLY A 41 9.99 12.15 5.06
C GLY A 41 10.40 10.68 5.09
N GLY A 42 11.56 10.37 4.61
CA GLY A 42 12.02 8.95 4.60
C GLY A 42 10.90 8.06 4.06
N ASN A 43 11.01 6.78 4.26
CA ASN A 43 9.95 5.86 3.77
C ASN A 43 9.86 4.63 4.68
N ARG A 44 9.49 3.50 4.14
CA ARG A 44 9.39 2.27 4.97
C ARG A 44 10.23 1.15 4.35
N GLN A 45 10.71 0.25 5.14
CA GLN A 45 11.54 -0.87 4.60
C GLN A 45 10.92 -1.34 3.28
N PRO A 46 11.72 -1.93 2.43
CA PRO A 46 11.27 -2.44 1.11
C PRO A 46 9.95 -3.21 1.21
N PRO A 47 8.99 -2.88 0.39
CA PRO A 47 7.66 -3.53 0.40
C PRO A 47 7.69 -4.92 -0.27
N PRO A 48 7.38 -5.95 0.47
CA PRO A 48 7.38 -7.34 -0.05
C PRO A 48 6.14 -7.64 -0.90
N PRO A 49 6.19 -8.70 -1.66
CA PRO A 49 5.06 -9.11 -2.54
C PRO A 49 3.83 -9.56 -1.74
N TYR A 50 2.75 -8.84 -1.83
CA TYR A 50 1.53 -9.22 -1.07
C TYR A 50 0.86 -10.41 -1.74
N PRO A 51 0.38 -11.35 -0.97
CA PRO A 51 -0.31 -12.56 -1.50
C PRO A 51 -1.72 -12.27 -2.00
N LEU A 52 -2.06 -12.76 -3.17
CA LEU A 52 -3.42 -12.50 -3.71
C LEU A 52 -4.43 -13.43 -3.01
N THR A 53 -5.10 -12.93 -2.01
CA THR A 53 -6.09 -13.78 -1.29
C THR A 53 -7.30 -12.93 -0.89
N ALA A 54 -8.48 -13.38 -1.21
CA ALA A 54 -9.70 -12.60 -0.84
C ALA A 54 -9.90 -12.64 0.67
N SER A 1 -11.44 -2.42 2.32
CA SER A 1 -12.82 -1.92 2.09
C SER A 1 -12.76 -0.43 1.69
N GLY A 2 -11.90 -0.09 0.77
CA GLY A 2 -11.80 1.33 0.34
C GLY A 2 -11.07 1.40 -1.01
N PRO A 3 -11.72 0.95 -2.05
CA PRO A 3 -11.14 0.96 -3.42
C PRO A 3 -10.49 2.30 -3.78
N LEU A 4 -9.21 2.30 -4.05
CA LEU A 4 -8.53 3.57 -4.40
C LEU A 4 -8.74 3.84 -5.90
N PRO A 5 -8.17 4.89 -6.46
CA PRO A 5 -8.33 5.22 -7.89
C PRO A 5 -8.80 4.04 -8.73
N ASP A 6 -8.16 2.91 -8.61
CA ASP A 6 -8.59 1.72 -9.40
C ASP A 6 -7.39 0.81 -9.66
N GLY A 7 -7.38 -0.34 -9.07
CA GLY A 7 -6.24 -1.28 -9.27
C GLY A 7 -5.37 -1.32 -8.02
N TRP A 8 -5.70 -0.56 -7.02
CA TRP A 8 -4.87 -0.58 -5.79
C TRP A 8 -5.69 -0.10 -4.58
N GLU A 9 -5.15 -0.24 -3.39
CA GLU A 9 -5.90 0.19 -2.18
C GLU A 9 -4.96 0.27 -0.98
N GLN A 10 -5.31 1.06 0.01
CA GLN A 10 -4.45 1.17 1.22
C GLN A 10 -4.87 0.11 2.24
N ALA A 11 -3.92 -0.49 2.91
CA ALA A 11 -4.27 -1.53 3.92
C ALA A 11 -3.22 -1.56 5.01
N MET A 12 -3.27 -2.54 5.88
CA MET A 12 -2.27 -2.63 6.97
C MET A 12 -1.72 -4.05 7.04
N THR A 13 -0.55 -4.22 7.60
CA THR A 13 0.05 -5.59 7.70
C THR A 13 -0.33 -6.19 9.06
N GLN A 14 0.37 -7.21 9.48
CA GLN A 14 0.06 -7.83 10.80
C GLN A 14 0.69 -6.98 11.89
N ASP A 15 1.51 -6.03 11.51
CA ASP A 15 2.15 -5.15 12.50
C ASP A 15 1.62 -3.74 12.33
N GLY A 16 0.50 -3.62 11.68
CA GLY A 16 -0.11 -2.27 11.47
C GLY A 16 0.93 -1.34 10.86
N GLU A 17 1.64 -1.77 9.86
CA GLU A 17 2.66 -0.89 9.23
C GLU A 17 2.04 -0.11 8.09
N ILE A 18 0.74 -0.11 8.05
CA ILE A 18 0.01 0.63 6.98
C ILE A 18 0.78 0.55 5.66
N TYR A 19 0.27 -0.17 4.71
CA TYR A 19 0.96 -0.29 3.40
C TYR A 19 -0.04 -0.09 2.26
N TYR A 20 0.42 -0.08 1.04
CA TYR A 20 -0.51 0.10 -0.11
C TYR A 20 -0.47 -1.14 -0.99
N ILE A 21 -1.57 -1.51 -1.58
CA ILE A 21 -1.57 -2.73 -2.42
C ILE A 21 -2.04 -2.39 -3.84
N ASN A 22 -1.30 -2.81 -4.83
CA ASN A 22 -1.70 -2.52 -6.25
C ASN A 22 -2.20 -3.80 -6.91
N HIS A 23 -3.49 -3.93 -7.08
CA HIS A 23 -4.04 -5.15 -7.72
C HIS A 23 -3.62 -5.20 -9.19
N LYS A 24 -2.88 -4.22 -9.64
CA LYS A 24 -2.44 -4.20 -11.06
C LYS A 24 -1.25 -5.14 -11.22
N ASN A 25 -0.30 -5.07 -10.33
CA ASN A 25 0.89 -5.95 -10.41
C ASN A 25 0.91 -6.89 -9.21
N LYS A 26 -0.17 -6.98 -8.49
CA LYS A 26 -0.21 -7.87 -7.29
C LYS A 26 0.99 -7.56 -6.39
N THR A 27 1.22 -6.30 -6.12
CA THR A 27 2.36 -5.92 -5.25
C THR A 27 1.94 -4.81 -4.30
N THR A 28 2.61 -4.67 -3.19
CA THR A 28 2.24 -3.60 -2.23
C THR A 28 3.36 -2.58 -2.14
N SER A 29 3.09 -1.44 -1.57
CA SER A 29 4.16 -0.39 -1.46
C SER A 29 3.78 0.64 -0.39
N TRP A 30 4.72 1.45 0.02
CA TRP A 30 4.41 2.47 1.05
C TRP A 30 4.16 3.82 0.37
N LEU A 31 4.56 3.95 -0.86
CA LEU A 31 4.35 5.24 -1.58
C LEU A 31 2.86 5.62 -1.52
N ASP A 32 2.58 6.89 -1.40
CA ASP A 32 1.16 7.32 -1.35
C ASP A 32 0.88 8.31 -2.49
N PRO A 33 0.46 7.81 -3.62
CA PRO A 33 0.14 8.65 -4.80
C PRO A 33 -0.72 9.87 -4.45
N ARG A 34 -1.87 9.64 -3.88
CA ARG A 34 -2.75 10.78 -3.50
C ARG A 34 -3.18 10.63 -2.04
N LEU A 35 -2.26 10.32 -1.17
CA LEU A 35 -2.61 10.17 0.27
C LEU A 35 -1.44 10.68 1.13
N ASP A 36 -1.09 11.93 0.98
CA ASP A 36 0.03 12.47 1.79
C ASP A 36 0.18 13.98 1.52
N PRO A 37 -0.52 14.78 2.26
CA PRO A 37 -0.49 16.26 2.11
C PRO A 37 0.94 16.81 2.07
N ARG A 38 1.17 17.83 1.28
CA ARG A 38 2.54 18.41 1.20
C ARG A 38 3.14 18.50 2.61
N GLY A 39 4.36 18.09 2.78
CA GLY A 39 4.99 18.15 4.12
C GLY A 39 5.65 16.81 4.45
N GLY A 40 6.45 16.29 3.56
CA GLY A 40 7.11 14.99 3.82
C GLY A 40 7.07 14.13 2.56
N GLY A 41 7.68 12.97 2.60
CA GLY A 41 7.66 12.08 1.40
C GLY A 41 8.32 10.75 1.76
N GLY A 42 7.87 10.12 2.80
CA GLY A 42 8.47 8.81 3.20
C GLY A 42 8.37 7.83 2.02
N ASN A 43 9.10 6.75 2.08
CA ASN A 43 9.04 5.76 0.97
C ASN A 43 9.42 4.37 1.50
N ARG A 44 10.31 4.32 2.45
CA ARG A 44 10.72 3.00 3.02
C ARG A 44 11.10 2.05 1.87
N GLN A 45 11.70 0.94 2.20
CA GLN A 45 12.09 -0.02 1.12
C GLN A 45 10.87 -0.83 0.67
N PRO A 46 10.77 -1.11 -0.60
CA PRO A 46 9.63 -1.89 -1.16
C PRO A 46 9.25 -3.09 -0.29
N PRO A 47 7.98 -3.24 0.00
CA PRO A 47 7.49 -4.36 0.84
C PRO A 47 7.43 -5.68 0.07
N PRO A 48 7.35 -6.77 0.79
CA PRO A 48 7.29 -8.13 0.18
C PRO A 48 5.93 -8.40 -0.48
N PRO A 49 5.86 -9.37 -1.35
CA PRO A 49 4.61 -9.73 -2.05
C PRO A 49 3.41 -9.80 -1.10
N TYR A 50 2.49 -8.88 -1.23
CA TYR A 50 1.30 -8.89 -0.33
C TYR A 50 0.46 -10.15 -0.60
N PRO A 51 0.05 -10.83 0.44
CA PRO A 51 -0.77 -12.06 0.31
C PRO A 51 -2.23 -11.76 -0.09
N LEU A 52 -2.64 -12.25 -1.23
CA LEU A 52 -4.03 -11.98 -1.69
C LEU A 52 -5.01 -12.74 -0.79
N THR A 53 -5.84 -12.04 -0.07
CA THR A 53 -6.82 -12.73 0.82
C THR A 53 -7.68 -13.69 -0.01
N ALA A 54 -8.20 -14.72 0.62
CA ALA A 54 -9.04 -15.68 -0.14
C ALA A 54 -10.52 -15.28 -0.03
N SER A 1 -14.35 5.52 0.80
CA SER A 1 -14.44 4.32 1.67
C SER A 1 -14.47 3.07 0.81
N GLY A 2 -13.81 3.09 -0.33
CA GLY A 2 -13.82 1.89 -1.22
C GLY A 2 -12.53 1.87 -2.05
N PRO A 3 -12.54 1.16 -3.13
CA PRO A 3 -11.36 1.03 -4.04
C PRO A 3 -10.74 2.39 -4.36
N LEU A 4 -9.45 2.43 -4.58
CA LEU A 4 -8.79 3.73 -4.90
C LEU A 4 -8.87 3.93 -6.42
N PRO A 5 -8.11 4.84 -7.00
CA PRO A 5 -8.15 5.09 -8.47
C PRO A 5 -8.51 3.84 -9.29
N ASP A 6 -8.58 2.71 -8.65
CA ASP A 6 -8.94 1.45 -9.36
C ASP A 6 -7.67 0.64 -9.64
N GLY A 7 -7.53 -0.47 -8.99
CA GLY A 7 -6.32 -1.31 -9.21
C GLY A 7 -5.41 -1.24 -7.98
N TRP A 8 -5.77 -0.47 -6.99
CA TRP A 8 -4.92 -0.39 -5.78
C TRP A 8 -5.69 0.20 -4.60
N GLU A 9 -5.13 0.12 -3.42
CA GLU A 9 -5.84 0.67 -2.22
C GLU A 9 -4.89 0.73 -1.03
N GLN A 10 -5.28 1.42 0.02
CA GLN A 10 -4.41 1.51 1.22
C GLN A 10 -4.73 0.34 2.16
N ALA A 11 -3.74 -0.24 2.78
CA ALA A 11 -4.00 -1.37 3.70
C ALA A 11 -2.92 -1.41 4.79
N MET A 12 -2.89 -2.45 5.57
CA MET A 12 -1.88 -2.54 6.66
C MET A 12 -1.29 -3.96 6.70
N THR A 13 -0.16 -4.12 7.31
CA THR A 13 0.48 -5.47 7.38
C THR A 13 0.16 -6.10 8.75
N GLN A 14 0.90 -7.09 9.14
CA GLN A 14 0.64 -7.73 10.47
C GLN A 14 1.37 -6.92 11.54
N ASP A 15 2.18 -5.99 11.14
CA ASP A 15 2.92 -5.17 12.12
C ASP A 15 2.41 -3.73 12.03
N GLY A 16 1.28 -3.56 11.45
CA GLY A 16 0.70 -2.19 11.31
C GLY A 16 1.69 -1.29 10.56
N GLU A 17 2.36 -1.81 9.57
CA GLU A 17 3.33 -0.98 8.81
C GLU A 17 2.59 -0.17 7.76
N ILE A 18 1.31 -0.07 7.93
CA ILE A 18 0.45 0.68 6.96
C ILE A 18 1.15 0.76 5.60
N TYR A 19 0.63 0.07 4.63
CA TYR A 19 1.25 0.12 3.27
C TYR A 19 0.14 0.15 2.21
N TYR A 20 0.51 0.26 0.96
CA TYR A 20 -0.52 0.33 -0.11
C TYR A 20 -0.53 -0.97 -0.90
N ILE A 21 -1.62 -1.27 -1.55
CA ILE A 21 -1.70 -2.53 -2.32
C ILE A 21 -2.15 -2.23 -3.75
N ASN A 22 -1.40 -2.69 -4.73
CA ASN A 22 -1.76 -2.42 -6.14
C ASN A 22 -2.30 -3.70 -6.79
N HIS A 23 -3.59 -3.78 -6.98
CA HIS A 23 -4.18 -5.00 -7.60
C HIS A 23 -3.76 -5.08 -9.06
N LYS A 24 -3.04 -4.10 -9.53
CA LYS A 24 -2.58 -4.11 -10.96
C LYS A 24 -1.37 -5.02 -11.09
N ASN A 25 -0.45 -4.93 -10.17
CA ASN A 25 0.77 -5.79 -10.22
C ASN A 25 0.68 -6.83 -9.11
N LYS A 26 -0.38 -6.84 -8.36
CA LYS A 26 -0.52 -7.82 -7.26
C LYS A 26 0.59 -7.60 -6.23
N THR A 27 0.90 -6.37 -5.93
CA THR A 27 1.98 -6.10 -4.94
C THR A 27 1.62 -4.86 -4.12
N THR A 28 2.24 -4.69 -2.99
CA THR A 28 1.93 -3.51 -2.14
C THR A 28 3.09 -2.53 -2.18
N SER A 29 2.87 -1.31 -1.79
CA SER A 29 3.97 -0.31 -1.81
C SER A 29 3.76 0.74 -0.71
N TRP A 30 4.82 1.30 -0.20
CA TRP A 30 4.67 2.33 0.86
C TRP A 30 4.32 3.68 0.23
N LEU A 31 4.76 3.90 -0.98
CA LEU A 31 4.46 5.20 -1.65
C LEU A 31 2.98 5.56 -1.46
N ASP A 32 2.68 6.81 -1.29
CA ASP A 32 1.26 7.22 -1.11
C ASP A 32 0.84 8.15 -2.26
N PRO A 33 0.32 7.58 -3.31
CA PRO A 33 -0.12 8.36 -4.50
C PRO A 33 -1.06 9.53 -4.13
N ARG A 34 -2.23 9.24 -3.64
CA ARG A 34 -3.16 10.33 -3.27
C ARG A 34 -3.82 10.02 -1.93
N LEU A 35 -3.07 9.53 -0.98
CA LEU A 35 -3.66 9.20 0.34
C LEU A 35 -3.11 10.17 1.39
N ASP A 36 -3.20 11.44 1.15
CA ASP A 36 -2.67 12.43 2.13
C ASP A 36 -1.21 12.11 2.45
N PRO A 37 -0.30 12.79 1.80
CA PRO A 37 1.16 12.57 2.01
C PRO A 37 1.66 13.27 3.28
N ARG A 38 1.74 12.56 4.38
CA ARG A 38 2.23 13.17 5.64
C ARG A 38 3.62 13.78 5.41
N GLY A 39 4.59 13.36 6.18
CA GLY A 39 5.96 13.92 5.99
C GLY A 39 6.86 13.41 7.12
N GLY A 40 8.10 13.10 6.82
CA GLY A 40 9.03 12.59 7.87
C GLY A 40 9.23 11.09 7.68
N GLY A 41 9.81 10.44 8.65
CA GLY A 41 10.05 8.97 8.53
C GLY A 41 11.54 8.71 8.32
N GLY A 42 11.87 7.72 7.54
CA GLY A 42 13.31 7.41 7.29
C GLY A 42 13.44 6.56 6.03
N ASN A 43 13.64 5.28 6.17
CA ASN A 43 13.77 4.40 4.98
C ASN A 43 12.68 3.32 5.01
N ARG A 44 11.81 3.33 4.05
CA ARG A 44 10.73 2.31 4.02
C ARG A 44 11.34 0.91 3.92
N GLN A 45 10.92 0.00 4.74
CA GLN A 45 11.47 -1.39 4.68
C GLN A 45 10.97 -2.09 3.42
N PRO A 46 11.79 -2.90 2.82
CA PRO A 46 11.43 -3.65 1.59
C PRO A 46 10.00 -4.22 1.65
N PRO A 47 9.14 -3.75 0.80
CA PRO A 47 7.71 -4.21 0.75
C PRO A 47 7.56 -5.53 0.00
N PRO A 48 7.23 -6.59 0.70
CA PRO A 48 7.05 -7.93 0.09
C PRO A 48 5.70 -8.06 -0.62
N PRO A 49 5.55 -9.05 -1.45
CA PRO A 49 4.30 -9.30 -2.22
C PRO A 49 3.10 -9.52 -1.29
N TYR A 50 2.17 -8.60 -1.29
CA TYR A 50 0.97 -8.75 -0.41
C TYR A 50 0.18 -9.99 -0.82
N PRO A 51 -0.09 -10.87 0.12
CA PRO A 51 -0.85 -12.12 -0.15
C PRO A 51 -2.35 -11.87 -0.32
N LEU A 52 -2.85 -11.99 -1.52
CA LEU A 52 -4.31 -11.75 -1.75
C LEU A 52 -5.12 -12.65 -0.81
N THR A 53 -6.14 -12.11 -0.21
CA THR A 53 -6.99 -12.92 0.71
C THR A 53 -6.08 -13.63 1.73
N ALA A 54 -6.63 -14.55 2.48
CA ALA A 54 -5.80 -15.27 3.49
C ALA A 54 -5.87 -16.77 3.23
N SER A 1 -15.81 -2.35 -3.43
CA SER A 1 -16.97 -1.45 -3.15
C SER A 1 -16.54 0.01 -3.34
N GLY A 2 -15.36 0.35 -2.89
CA GLY A 2 -14.89 1.76 -3.06
C GLY A 2 -13.39 1.82 -2.81
N PRO A 3 -12.63 1.15 -3.63
CA PRO A 3 -11.14 1.12 -3.51
C PRO A 3 -10.50 2.46 -3.90
N LEU A 4 -9.22 2.46 -4.17
CA LEU A 4 -8.54 3.73 -4.57
C LEU A 4 -8.72 3.91 -6.08
N PRO A 5 -8.11 4.91 -6.68
CA PRO A 5 -8.22 5.19 -8.14
C PRO A 5 -8.59 3.95 -8.97
N ASP A 6 -8.51 2.78 -8.40
CA ASP A 6 -8.87 1.53 -9.14
C ASP A 6 -7.59 0.78 -9.50
N GLY A 7 -7.40 -0.37 -8.91
CA GLY A 7 -6.18 -1.16 -9.20
C GLY A 7 -5.29 -1.19 -7.95
N TRP A 8 -5.64 -0.44 -6.95
CA TRP A 8 -4.82 -0.44 -5.71
C TRP A 8 -5.63 0.07 -4.52
N GLU A 9 -5.10 -0.03 -3.33
CA GLU A 9 -5.86 0.43 -2.14
C GLU A 9 -4.94 0.57 -0.93
N GLN A 10 -5.29 1.41 0.01
CA GLN A 10 -4.45 1.58 1.22
C GLN A 10 -4.83 0.51 2.25
N ALA A 11 -3.87 -0.10 2.88
CA ALA A 11 -4.20 -1.15 3.88
C ALA A 11 -3.10 -1.23 4.95
N MET A 12 -3.15 -2.22 5.80
CA MET A 12 -2.13 -2.34 6.86
C MET A 12 -1.69 -3.81 6.97
N THR A 13 -0.57 -4.06 7.57
CA THR A 13 -0.09 -5.46 7.70
C THR A 13 -0.53 -6.02 9.05
N GLN A 14 0.08 -7.09 9.49
CA GLN A 14 -0.31 -7.67 10.80
C GLN A 14 0.43 -6.91 11.91
N ASP A 15 1.38 -6.10 11.54
CA ASP A 15 2.14 -5.33 12.55
C ASP A 15 1.82 -3.85 12.37
N GLY A 16 0.75 -3.57 11.69
CA GLY A 16 0.35 -2.16 11.46
C GLY A 16 1.46 -1.42 10.72
N GLU A 17 2.14 -2.09 9.83
CA GLU A 17 3.23 -1.41 9.08
C GLU A 17 2.63 -0.58 7.95
N ILE A 18 1.37 -0.30 8.07
CA ILE A 18 0.66 0.50 7.04
C ILE A 18 1.33 0.31 5.67
N TYR A 19 0.70 -0.44 4.80
CA TYR A 19 1.28 -0.67 3.46
C TYR A 19 0.20 -0.51 2.40
N TYR A 20 0.58 -0.12 1.21
CA TYR A 20 -0.43 0.06 0.13
C TYR A 20 -0.47 -1.19 -0.74
N ILE A 21 -1.58 -1.46 -1.36
CA ILE A 21 -1.67 -2.68 -2.20
C ILE A 21 -2.11 -2.33 -3.63
N ASN A 22 -1.35 -2.75 -4.60
CA ASN A 22 -1.70 -2.44 -6.02
C ASN A 22 -2.27 -3.69 -6.70
N HIS A 23 -3.56 -3.74 -6.89
CA HIS A 23 -4.18 -4.93 -7.54
C HIS A 23 -3.70 -5.03 -8.98
N LYS A 24 -3.00 -4.02 -9.46
CA LYS A 24 -2.50 -4.08 -10.86
C LYS A 24 -1.20 -4.87 -10.90
N ASN A 25 -0.30 -4.60 -9.99
CA ASN A 25 0.97 -5.35 -9.96
C ASN A 25 0.89 -6.42 -8.86
N LYS A 26 -0.30 -6.75 -8.46
CA LYS A 26 -0.47 -7.78 -7.39
C LYS A 26 0.64 -7.61 -6.36
N THR A 27 0.97 -6.39 -6.03
CA THR A 27 2.03 -6.14 -5.02
C THR A 27 1.63 -4.95 -4.15
N THR A 28 2.32 -4.75 -3.05
CA THR A 28 1.98 -3.61 -2.17
C THR A 28 3.11 -2.59 -2.20
N SER A 29 2.84 -1.38 -1.79
CA SER A 29 3.90 -0.33 -1.80
C SER A 29 3.86 0.46 -0.50
N TRP A 30 5.00 0.83 0.02
CA TRP A 30 5.02 1.60 1.30
C TRP A 30 4.59 3.05 1.03
N LEU A 31 5.28 3.72 0.16
CA LEU A 31 4.92 5.14 -0.16
C LEU A 31 3.56 5.17 -0.85
N ASP A 32 2.88 6.28 -0.79
CA ASP A 32 1.54 6.37 -1.45
C ASP A 32 1.66 7.16 -2.75
N PRO A 33 0.98 6.72 -3.78
CA PRO A 33 1.00 7.39 -5.11
C PRO A 33 0.25 8.73 -5.10
N ARG A 34 -1.05 8.69 -4.95
CA ARG A 34 -1.83 9.96 -4.93
C ARG A 34 -2.53 10.10 -3.59
N LEU A 35 -1.84 9.83 -2.51
CA LEU A 35 -2.46 9.96 -1.17
C LEU A 35 -1.38 10.31 -0.14
N ASP A 36 -1.04 11.56 -0.02
CA ASP A 36 0.00 11.97 0.95
C ASP A 36 1.32 11.29 0.60
N PRO A 37 1.79 11.51 -0.59
CA PRO A 37 3.07 10.91 -1.07
C PRO A 37 4.30 11.55 -0.41
N ARG A 38 4.30 11.63 0.89
CA ARG A 38 5.46 12.23 1.60
C ARG A 38 5.41 11.85 3.09
N GLY A 39 6.55 11.62 3.69
CA GLY A 39 6.56 11.25 5.13
C GLY A 39 5.83 9.92 5.32
N GLY A 40 5.40 9.63 6.52
CA GLY A 40 4.69 8.34 6.76
C GLY A 40 5.70 7.22 6.93
N GLY A 41 5.60 6.19 6.14
CA GLY A 41 6.56 5.06 6.25
C GLY A 41 6.41 4.39 7.62
N GLY A 42 7.50 3.95 8.18
CA GLY A 42 7.42 3.29 9.53
C GLY A 42 8.60 2.33 9.69
N ASN A 43 8.74 1.39 8.79
CA ASN A 43 9.86 0.42 8.89
C ASN A 43 9.90 -0.46 7.65
N ARG A 44 11.01 -1.10 7.39
CA ARG A 44 11.11 -1.96 6.18
C ARG A 44 11.08 -1.10 4.92
N GLN A 45 12.20 -0.94 4.27
CA GLN A 45 12.23 -0.10 3.04
C GLN A 45 11.60 -0.87 1.89
N PRO A 46 12.06 -2.08 1.65
CA PRO A 46 11.54 -2.94 0.56
C PRO A 46 10.23 -3.62 0.94
N PRO A 47 9.17 -3.32 0.21
CA PRO A 47 7.82 -3.92 0.47
C PRO A 47 7.70 -5.33 -0.11
N PRO A 48 7.30 -6.27 0.70
CA PRO A 48 7.13 -7.69 0.25
C PRO A 48 5.86 -7.88 -0.57
N PRO A 49 5.77 -8.98 -1.28
CA PRO A 49 4.58 -9.30 -2.12
C PRO A 49 3.34 -9.58 -1.29
N TYR A 50 2.36 -8.73 -1.39
CA TYR A 50 1.10 -8.95 -0.60
C TYR A 50 0.35 -10.17 -1.15
N PRO A 51 0.06 -11.12 -0.32
CA PRO A 51 -0.67 -12.35 -0.72
C PRO A 51 -2.17 -12.12 -0.90
N LEU A 52 -2.76 -12.69 -1.91
CA LEU A 52 -4.22 -12.49 -2.13
C LEU A 52 -5.01 -13.30 -1.09
N THR A 53 -4.75 -13.07 0.18
CA THR A 53 -5.48 -13.82 1.23
C THR A 53 -6.59 -12.94 1.80
N ALA A 54 -7.74 -12.94 1.18
CA ALA A 54 -8.87 -12.10 1.69
C ALA A 54 -10.10 -12.98 1.90
N SER A 1 -10.59 5.06 2.14
CA SER A 1 -11.75 4.41 2.82
C SER A 1 -12.25 3.24 1.97
N GLY A 2 -11.42 2.73 1.09
CA GLY A 2 -11.85 1.60 0.23
C GLY A 2 -11.07 1.62 -1.08
N PRO A 3 -11.66 1.15 -2.14
CA PRO A 3 -11.03 1.12 -3.48
C PRO A 3 -10.37 2.45 -3.85
N LEU A 4 -9.09 2.46 -4.08
CA LEU A 4 -8.40 3.72 -4.45
C LEU A 4 -8.56 3.93 -5.96
N PRO A 5 -7.98 4.96 -6.53
CA PRO A 5 -8.09 5.25 -7.98
C PRO A 5 -8.57 4.05 -8.79
N ASP A 6 -7.90 2.95 -8.71
CA ASP A 6 -8.34 1.75 -9.47
C ASP A 6 -7.16 0.79 -9.68
N GLY A 7 -7.21 -0.33 -9.03
CA GLY A 7 -6.10 -1.33 -9.18
C GLY A 7 -5.26 -1.36 -7.91
N TRP A 8 -5.62 -0.60 -6.91
CA TRP A 8 -4.80 -0.61 -5.68
C TRP A 8 -5.60 -0.08 -4.49
N GLU A 9 -5.12 -0.30 -3.29
CA GLU A 9 -5.86 0.19 -2.09
C GLU A 9 -4.91 0.31 -0.89
N GLN A 10 -5.19 1.19 0.02
CA GLN A 10 -4.32 1.35 1.21
C GLN A 10 -4.78 0.39 2.31
N ALA A 11 -3.88 -0.29 2.95
CA ALA A 11 -4.29 -1.24 4.02
C ALA A 11 -3.18 -1.36 5.07
N MET A 12 -3.31 -2.30 5.97
CA MET A 12 -2.27 -2.48 7.01
C MET A 12 -1.75 -3.92 6.99
N THR A 13 -0.59 -4.15 7.55
CA THR A 13 -0.04 -5.53 7.56
C THR A 13 -0.41 -6.21 8.87
N GLN A 14 0.30 -7.25 9.25
CA GLN A 14 -0.03 -7.94 10.52
C GLN A 14 0.65 -7.20 11.67
N ASP A 15 1.53 -6.30 11.35
CA ASP A 15 2.23 -5.53 12.42
C ASP A 15 1.79 -4.08 12.32
N GLY A 16 0.69 -3.84 11.68
CA GLY A 16 0.19 -2.44 11.53
C GLY A 16 1.26 -1.57 10.87
N GLU A 17 1.93 -2.10 9.88
CA GLU A 17 2.99 -1.30 9.19
C GLU A 17 2.35 -0.48 8.08
N ILE A 18 1.07 -0.33 8.14
CA ILE A 18 0.34 0.45 7.10
C ILE A 18 1.04 0.31 5.75
N TYR A 19 0.46 -0.41 4.84
CA TYR A 19 1.10 -0.58 3.51
C TYR A 19 0.03 -0.46 2.41
N TYR A 20 0.44 -0.26 1.19
CA TYR A 20 -0.55 -0.13 0.08
C TYR A 20 -0.49 -1.37 -0.79
N ILE A 21 -1.58 -1.73 -1.39
CA ILE A 21 -1.60 -2.95 -2.24
C ILE A 21 -2.07 -2.60 -3.66
N ASN A 22 -1.33 -3.02 -4.66
CA ASN A 22 -1.72 -2.72 -6.07
C ASN A 22 -2.31 -3.98 -6.72
N HIS A 23 -3.59 -4.02 -6.87
CA HIS A 23 -4.22 -5.22 -7.50
C HIS A 23 -3.88 -5.26 -8.98
N LYS A 24 -2.99 -4.42 -9.42
CA LYS A 24 -2.60 -4.42 -10.86
C LYS A 24 -1.27 -5.14 -11.02
N ASN A 25 -0.40 -5.03 -10.06
CA ASN A 25 0.92 -5.71 -10.15
C ASN A 25 1.00 -6.79 -9.06
N LYS A 26 -0.11 -7.12 -8.45
CA LYS A 26 -0.09 -8.16 -7.39
C LYS A 26 1.03 -7.85 -6.39
N THR A 27 1.21 -6.60 -6.05
CA THR A 27 2.29 -6.23 -5.10
C THR A 27 1.82 -5.08 -4.20
N THR A 28 2.50 -4.84 -3.13
CA THR A 28 2.11 -3.73 -2.24
C THR A 28 3.17 -2.64 -2.25
N SER A 29 2.79 -1.42 -1.98
CA SER A 29 3.79 -0.31 -2.00
C SER A 29 3.47 0.70 -0.89
N TRP A 30 4.24 1.74 -0.80
CA TRP A 30 3.99 2.77 0.24
C TRP A 30 3.77 4.13 -0.42
N LEU A 31 4.27 4.30 -1.62
CA LEU A 31 4.10 5.59 -2.33
C LEU A 31 2.77 6.23 -1.94
N ASP A 32 2.79 7.50 -1.60
CA ASP A 32 1.52 8.18 -1.22
C ASP A 32 1.13 9.20 -2.30
N PRO A 33 0.22 8.83 -3.16
CA PRO A 33 -0.24 9.72 -4.26
C PRO A 33 -1.23 10.78 -3.78
N ARG A 34 -2.35 10.37 -3.24
CA ARG A 34 -3.35 11.36 -2.75
C ARG A 34 -3.86 10.92 -1.38
N LEU A 35 -2.97 10.67 -0.45
CA LEU A 35 -3.41 10.25 0.90
C LEU A 35 -2.54 10.91 1.95
N ASP A 36 -2.71 12.19 2.16
CA ASP A 36 -1.89 12.90 3.17
C ASP A 36 -0.41 12.61 2.93
N PRO A 37 0.24 13.43 2.15
CA PRO A 37 1.69 13.26 1.82
C PRO A 37 2.55 13.03 3.07
N ARG A 38 2.36 11.92 3.73
CA ARG A 38 3.16 11.64 4.96
C ARG A 38 4.63 11.48 4.57
N GLY A 39 5.48 12.37 5.04
CA GLY A 39 6.93 12.27 4.70
C GLY A 39 7.23 13.17 3.51
N GLY A 40 8.47 13.59 3.37
CA GLY A 40 8.83 14.47 2.23
C GLY A 40 9.32 13.62 1.06
N GLY A 41 10.45 12.98 1.21
CA GLY A 41 10.98 12.13 0.11
C GLY A 41 10.55 10.68 0.32
N GLY A 42 10.61 9.88 -0.70
CA GLY A 42 10.19 8.46 -0.55
C GLY A 42 11.19 7.72 0.36
N ASN A 43 10.82 6.58 0.85
CA ASN A 43 11.73 5.82 1.74
C ASN A 43 11.08 4.49 2.14
N ARG A 44 11.33 4.05 3.35
CA ARG A 44 10.72 2.76 3.80
C ARG A 44 11.48 1.59 3.18
N GLN A 45 11.48 0.45 3.82
CA GLN A 45 12.20 -0.72 3.27
C GLN A 45 11.32 -1.42 2.23
N PRO A 46 11.93 -2.00 1.24
CA PRO A 46 11.19 -2.71 0.15
C PRO A 46 10.05 -3.59 0.70
N PRO A 47 8.87 -3.41 0.18
CA PRO A 47 7.67 -4.18 0.61
C PRO A 47 7.64 -5.59 0.00
N PRO A 48 7.43 -6.59 0.81
CA PRO A 48 7.37 -8.00 0.35
C PRO A 48 6.04 -8.31 -0.35
N PRO A 49 6.06 -9.18 -1.33
CA PRO A 49 4.84 -9.56 -2.08
C PRO A 49 3.63 -9.78 -1.17
N TYR A 50 2.66 -8.93 -1.25
CA TYR A 50 1.46 -9.07 -0.39
C TYR A 50 0.70 -10.34 -0.78
N PRO A 51 0.42 -11.20 0.17
CA PRO A 51 -0.31 -12.47 -0.07
C PRO A 51 -1.82 -12.24 -0.26
N LEU A 52 -2.31 -12.49 -1.44
CA LEU A 52 -3.77 -12.29 -1.69
C LEU A 52 -4.56 -12.66 -0.43
N THR A 53 -4.92 -11.70 0.37
CA THR A 53 -5.68 -12.00 1.61
C THR A 53 -4.75 -12.60 2.66
N ALA A 54 -4.79 -12.09 3.86
CA ALA A 54 -3.90 -12.64 4.92
C ALA A 54 -4.64 -12.61 6.27
N SER A 1 -18.26 3.57 0.18
CA SER A 1 -16.83 3.20 0.30
C SER A 1 -16.42 2.36 -0.90
N GLY A 2 -15.24 2.57 -1.41
CA GLY A 2 -14.78 1.78 -2.59
C GLY A 2 -13.25 1.85 -2.68
N PRO A 3 -12.66 0.93 -3.41
CA PRO A 3 -11.18 0.88 -3.59
C PRO A 3 -10.59 2.25 -3.92
N LEU A 4 -9.30 2.31 -4.13
CA LEU A 4 -8.68 3.63 -4.46
C LEU A 4 -8.86 3.88 -5.98
N PRO A 5 -8.32 4.95 -6.51
CA PRO A 5 -8.44 5.28 -7.95
C PRO A 5 -8.87 4.09 -8.80
N ASP A 6 -8.23 2.97 -8.64
CA ASP A 6 -8.61 1.77 -9.45
C ASP A 6 -7.38 0.90 -9.69
N GLY A 7 -7.35 -0.27 -9.09
CA GLY A 7 -6.20 -1.18 -9.30
C GLY A 7 -5.34 -1.21 -8.03
N TRP A 8 -5.72 -0.48 -7.02
CA TRP A 8 -4.89 -0.50 -5.77
C TRP A 8 -5.71 -0.03 -4.58
N GLU A 9 -5.22 -0.27 -3.39
CA GLU A 9 -5.97 0.14 -2.16
C GLU A 9 -5.01 0.26 -0.97
N GLN A 10 -5.29 1.13 -0.04
CA GLN A 10 -4.40 1.28 1.14
C GLN A 10 -4.82 0.26 2.20
N ALA A 11 -3.87 -0.36 2.85
CA ALA A 11 -4.22 -1.37 3.90
C ALA A 11 -3.12 -1.41 4.97
N MET A 12 -3.18 -2.37 5.86
CA MET A 12 -2.15 -2.46 6.92
C MET A 12 -1.67 -3.91 7.03
N THR A 13 -0.52 -4.12 7.63
CA THR A 13 0.01 -5.50 7.78
C THR A 13 -0.38 -6.04 9.15
N GLN A 14 0.28 -7.08 9.61
CA GLN A 14 -0.05 -7.63 10.94
C GLN A 14 0.69 -6.84 12.00
N ASP A 15 1.60 -5.99 11.59
CA ASP A 15 2.35 -5.17 12.57
C ASP A 15 1.96 -3.71 12.39
N GLY A 16 0.86 -3.48 11.74
CA GLY A 16 0.39 -2.09 11.52
C GLY A 16 1.47 -1.29 10.80
N GLU A 17 2.03 -1.83 9.75
CA GLU A 17 3.09 -1.10 9.01
C GLU A 17 2.43 -0.32 7.87
N ILE A 18 1.15 -0.14 7.97
CA ILE A 18 0.40 0.60 6.92
C ILE A 18 1.08 0.42 5.57
N TYR A 19 0.48 -0.32 4.68
CA TYR A 19 1.09 -0.52 3.34
C TYR A 19 0.02 -0.33 2.27
N TYR A 20 0.43 -0.19 1.04
CA TYR A 20 -0.54 -0.01 -0.08
C TYR A 20 -0.52 -1.24 -0.97
N ILE A 21 -1.61 -1.59 -1.57
CA ILE A 21 -1.64 -2.80 -2.43
C ILE A 21 -2.11 -2.44 -3.84
N ASN A 22 -1.37 -2.83 -4.84
CA ASN A 22 -1.76 -2.51 -6.25
C ASN A 22 -2.29 -3.78 -6.93
N HIS A 23 -3.58 -3.87 -7.10
CA HIS A 23 -4.16 -5.08 -7.75
C HIS A 23 -3.80 -5.07 -9.23
N LYS A 24 -3.04 -4.11 -9.66
CA LYS A 24 -2.65 -4.05 -11.11
C LYS A 24 -1.45 -4.97 -11.33
N ASN A 25 -0.52 -4.96 -10.42
CA ASN A 25 0.68 -5.84 -10.57
C ASN A 25 0.71 -6.86 -9.44
N LYS A 26 -0.31 -6.88 -8.63
CA LYS A 26 -0.35 -7.85 -7.50
C LYS A 26 0.84 -7.59 -6.56
N THR A 27 1.07 -6.35 -6.22
CA THR A 27 2.20 -6.03 -5.32
C THR A 27 1.80 -4.88 -4.38
N THR A 28 2.48 -4.75 -3.27
CA THR A 28 2.14 -3.66 -2.32
C THR A 28 3.25 -2.64 -2.28
N SER A 29 2.99 -1.47 -1.77
CA SER A 29 4.05 -0.43 -1.71
C SER A 29 3.68 0.65 -0.69
N TRP A 30 4.56 1.58 -0.44
CA TRP A 30 4.25 2.65 0.55
C TRP A 30 4.14 3.99 -0.18
N LEU A 31 4.68 4.08 -1.36
CA LEU A 31 4.61 5.36 -2.13
C LEU A 31 3.23 5.99 -1.94
N ASP A 32 3.12 7.27 -2.15
CA ASP A 32 1.81 7.94 -1.98
C ASP A 32 1.33 8.49 -3.33
N PRO A 33 0.59 7.69 -4.05
CA PRO A 33 0.05 8.09 -5.39
C PRO A 33 -0.74 9.40 -5.33
N ARG A 34 -1.97 9.34 -4.89
CA ARG A 34 -2.79 10.57 -4.81
C ARG A 34 -3.65 10.53 -3.54
N LEU A 35 -3.13 9.96 -2.48
CA LEU A 35 -3.92 9.88 -1.22
C LEU A 35 -3.54 11.05 -0.31
N ASP A 36 -3.61 12.26 -0.81
CA ASP A 36 -3.25 13.43 0.02
C ASP A 36 -1.73 13.46 0.24
N PRO A 37 -1.04 14.14 -0.64
CA PRO A 37 0.45 14.25 -0.56
C PRO A 37 0.92 14.68 0.82
N ARG A 38 1.32 13.74 1.64
CA ARG A 38 1.79 14.09 3.01
C ARG A 38 2.98 15.04 2.90
N GLY A 39 3.33 15.70 3.99
CA GLY A 39 4.47 16.65 3.95
C GLY A 39 5.74 15.94 4.42
N GLY A 40 6.51 15.42 3.50
CA GLY A 40 7.76 14.71 3.90
C GLY A 40 7.75 13.28 3.34
N GLY A 41 8.83 12.56 3.52
CA GLY A 41 8.87 11.17 2.99
C GLY A 41 9.05 10.19 4.16
N GLY A 42 10.23 10.13 4.72
CA GLY A 42 10.46 9.21 5.86
C GLY A 42 11.09 7.91 5.34
N ASN A 43 11.07 6.87 6.13
CA ASN A 43 11.67 5.58 5.68
C ASN A 43 10.58 4.51 5.60
N ARG A 44 10.82 3.46 4.86
CA ARG A 44 9.80 2.38 4.74
C ARG A 44 10.50 1.05 4.44
N GLN A 45 10.01 -0.02 5.00
CA GLN A 45 10.64 -1.35 4.74
C GLN A 45 10.40 -1.75 3.28
N PRO A 46 11.18 -2.66 2.77
CA PRO A 46 11.07 -3.14 1.37
C PRO A 46 9.70 -3.76 1.09
N PRO A 47 8.93 -3.15 0.22
CA PRO A 47 7.57 -3.65 -0.14
C PRO A 47 7.55 -5.17 -0.37
N PRO A 48 7.04 -5.91 0.59
CA PRO A 48 6.95 -7.39 0.50
C PRO A 48 5.74 -7.83 -0.32
N PRO A 49 5.73 -9.07 -0.74
CA PRO A 49 4.61 -9.63 -1.54
C PRO A 49 3.32 -9.73 -0.74
N TYR A 50 2.34 -8.93 -1.07
CA TYR A 50 1.05 -8.97 -0.34
C TYR A 50 0.25 -10.21 -0.75
N PRO A 51 0.00 -11.10 0.18
CA PRO A 51 -0.77 -12.35 -0.08
C PRO A 51 -2.28 -12.10 -0.11
N LEU A 52 -2.83 -11.85 -1.26
CA LEU A 52 -4.30 -11.60 -1.34
C LEU A 52 -5.05 -12.82 -0.81
N THR A 53 -6.36 -12.77 -0.80
CA THR A 53 -7.15 -13.93 -0.30
C THR A 53 -6.90 -15.14 -1.20
N ALA A 54 -7.81 -16.09 -1.20
CA ALA A 54 -7.62 -17.29 -2.05
C ALA A 54 -7.91 -16.93 -3.51
N SER A 1 -17.31 2.77 -1.79
CA SER A 1 -17.95 2.38 -3.08
C SER A 1 -16.93 1.64 -3.95
N GLY A 2 -16.04 0.91 -3.35
CA GLY A 2 -15.03 0.16 -4.15
C GLY A 2 -13.62 0.52 -3.65
N PRO A 3 -12.63 -0.08 -4.26
CA PRO A 3 -11.20 0.16 -3.88
C PRO A 3 -10.76 1.60 -4.14
N LEU A 4 -9.48 1.85 -4.17
CA LEU A 4 -8.98 3.22 -4.43
C LEU A 4 -9.17 3.53 -5.93
N PRO A 5 -8.68 4.63 -6.44
CA PRO A 5 -8.83 4.99 -7.87
C PRO A 5 -9.18 3.79 -8.75
N ASP A 6 -8.46 2.71 -8.61
CA ASP A 6 -8.76 1.50 -9.44
C ASP A 6 -7.47 0.72 -9.69
N GLY A 7 -7.37 -0.45 -9.11
CA GLY A 7 -6.16 -1.28 -9.31
C GLY A 7 -5.28 -1.22 -8.07
N TRP A 8 -5.71 -0.55 -7.04
CA TRP A 8 -4.87 -0.48 -5.81
C TRP A 8 -5.72 -0.07 -4.60
N GLU A 9 -5.15 -0.18 -3.42
CA GLU A 9 -5.93 0.18 -2.19
C GLU A 9 -4.99 0.28 -0.99
N GLN A 10 -5.31 1.10 -0.03
CA GLN A 10 -4.44 1.23 1.18
C GLN A 10 -4.84 0.15 2.19
N ALA A 11 -3.88 -0.41 2.88
CA ALA A 11 -4.21 -1.46 3.89
C ALA A 11 -3.18 -1.46 4.99
N MET A 12 -3.22 -2.44 5.87
CA MET A 12 -2.23 -2.50 6.98
C MET A 12 -1.69 -3.92 7.10
N THR A 13 -0.55 -4.08 7.71
CA THR A 13 0.04 -5.44 7.85
C THR A 13 -0.32 -6.01 9.23
N GLN A 14 0.38 -7.01 9.68
CA GLN A 14 0.08 -7.59 11.02
C GLN A 14 0.74 -6.72 12.08
N ASP A 15 1.57 -5.80 11.67
CA ASP A 15 2.24 -4.91 12.64
C ASP A 15 1.73 -3.49 12.44
N GLY A 16 0.60 -3.37 11.80
CA GLY A 16 0.02 -2.02 11.57
C GLY A 16 1.07 -1.11 10.91
N GLU A 17 1.70 -1.58 9.87
CA GLU A 17 2.73 -0.76 9.18
C GLU A 17 2.08 0.01 8.04
N ILE A 18 0.79 0.06 8.05
CA ILE A 18 0.05 0.78 6.97
C ILE A 18 0.82 0.69 5.65
N TYR A 19 0.30 -0.05 4.72
CA TYR A 19 1.00 -0.18 3.41
C TYR A 19 0.00 0.04 2.27
N TYR A 20 0.46 0.04 1.05
CA TYR A 20 -0.46 0.24 -0.10
C TYR A 20 -0.41 -0.99 -0.99
N ILE A 21 -1.52 -1.37 -1.57
CA ILE A 21 -1.52 -2.57 -2.42
C ILE A 21 -1.99 -2.22 -3.84
N ASN A 22 -1.22 -2.61 -4.83
CA ASN A 22 -1.61 -2.29 -6.24
C ASN A 22 -2.12 -3.56 -6.93
N HIS A 23 -3.41 -3.66 -7.11
CA HIS A 23 -3.97 -4.88 -7.77
C HIS A 23 -3.54 -4.89 -9.24
N LYS A 24 -2.77 -3.94 -9.66
CA LYS A 24 -2.32 -3.90 -11.08
C LYS A 24 -1.10 -4.80 -11.23
N ASN A 25 -0.19 -4.75 -10.31
CA ASN A 25 1.02 -5.61 -10.40
C ASN A 25 1.04 -6.57 -9.22
N LYS A 26 -0.07 -6.71 -8.55
CA LYS A 26 -0.12 -7.65 -7.39
C LYS A 26 1.05 -7.36 -6.45
N THR A 27 1.29 -6.10 -6.15
CA THR A 27 2.42 -5.75 -5.26
C THR A 27 1.98 -4.65 -4.29
N THR A 28 2.66 -4.51 -3.19
CA THR A 28 2.28 -3.45 -2.22
C THR A 28 3.40 -2.42 -2.11
N SER A 29 3.13 -1.28 -1.53
CA SER A 29 4.20 -0.24 -1.41
C SER A 29 3.85 0.73 -0.29
N TRP A 30 4.83 1.43 0.22
CA TRP A 30 4.57 2.41 1.31
C TRP A 30 4.26 3.77 0.71
N LEU A 31 4.74 4.04 -0.47
CA LEU A 31 4.47 5.36 -1.11
C LEU A 31 2.98 5.47 -1.46
N ASP A 32 2.42 6.64 -1.35
CA ASP A 32 0.97 6.80 -1.66
C ASP A 32 0.80 7.85 -2.76
N PRO A 33 0.01 7.56 -3.76
CA PRO A 33 -0.25 8.48 -4.89
C PRO A 33 -1.11 9.69 -4.47
N ARG A 34 -2.32 9.45 -4.05
CA ARG A 34 -3.21 10.56 -3.63
C ARG A 34 -3.86 10.22 -2.29
N LEU A 35 -3.08 9.83 -1.32
CA LEU A 35 -3.65 9.49 0.01
C LEU A 35 -2.67 9.92 1.11
N ASP A 36 -2.74 11.16 1.51
CA ASP A 36 -1.82 11.66 2.58
C ASP A 36 -1.54 10.51 3.56
N PRO A 37 -0.35 9.98 3.55
CA PRO A 37 0.05 8.88 4.46
C PRO A 37 0.42 9.38 5.86
N ARG A 38 -0.08 8.73 6.88
CA ARG A 38 0.24 9.17 8.27
C ARG A 38 1.65 8.71 8.63
N GLY A 39 2.55 9.63 8.83
CA GLY A 39 3.94 9.26 9.19
C GLY A 39 4.92 9.87 8.20
N GLY A 40 6.20 9.80 8.48
CA GLY A 40 7.20 10.39 7.55
C GLY A 40 7.81 9.28 6.69
N GLY A 41 8.27 8.22 7.31
CA GLY A 41 8.88 7.10 6.55
C GLY A 41 10.37 7.00 6.88
N GLY A 42 10.97 5.88 6.62
CA GLY A 42 12.42 5.72 6.93
C GLY A 42 13.14 5.11 5.72
N ASN A 43 12.83 5.57 4.54
CA ASN A 43 13.50 5.02 3.32
C ASN A 43 13.60 3.50 3.45
N ARG A 44 12.49 2.81 3.40
CA ARG A 44 12.53 1.32 3.52
C ARG A 44 12.34 0.69 2.14
N GLN A 45 13.13 -0.28 1.81
CA GLN A 45 12.98 -0.95 0.48
C GLN A 45 11.53 -1.40 0.30
N PRO A 46 11.14 -1.64 -0.92
CA PRO A 46 9.76 -2.09 -1.25
C PRO A 46 9.33 -3.29 -0.39
N PRO A 47 8.08 -3.34 -0.02
CA PRO A 47 7.53 -4.45 0.81
C PRO A 47 7.38 -5.76 0.02
N PRO A 48 7.28 -6.86 0.73
CA PRO A 48 7.14 -8.20 0.10
C PRO A 48 5.79 -8.36 -0.61
N PRO A 49 5.66 -9.38 -1.42
CA PRO A 49 4.42 -9.66 -2.18
C PRO A 49 3.20 -9.74 -1.26
N TYR A 50 2.32 -8.78 -1.35
CA TYR A 50 1.10 -8.80 -0.49
C TYR A 50 0.25 -10.03 -0.81
N PRO A 51 -0.36 -10.61 0.19
CA PRO A 51 -1.22 -11.81 0.01
C PRO A 51 -2.58 -11.46 -0.59
N LEU A 52 -3.03 -12.22 -1.55
CA LEU A 52 -4.36 -11.93 -2.17
C LEU A 52 -5.46 -12.06 -1.12
N THR A 53 -5.47 -11.18 -0.15
CA THR A 53 -6.53 -11.25 0.90
C THR A 53 -6.91 -12.71 1.15
N ALA A 54 -6.18 -13.38 1.99
CA ALA A 54 -6.50 -14.82 2.27
C ALA A 54 -6.27 -15.11 3.76
#